data_5GZ1
#
_entry.id   5GZ1
#
_cell.length_a   57.364
_cell.length_b   83.201
_cell.length_c   142.241
_cell.angle_alpha   90.000
_cell.angle_beta   90.000
_cell.angle_gamma   90.000
#
_symmetry.space_group_name_H-M   'P 21 21 21'
#
loop_
_entity.id
_entity.type
_entity.pdbx_description
1 polymer 'Meso-diaminopimelate D-dehydrogenase'
2 water water
#
_entity_poly.entity_id   1
_entity_poly.type   'polypeptide(L)'
_entity_poly.pdbx_seq_one_letter_code
;MSKIRIGIVGYGNLGRGVEAAIQQNPDMELVAVFTRRDPKTVAVKSNVKVLHVDDAQSYKDEIDVMILCGGSATDLPEQG
PYFAQYFNTIDSFDTHARIPDYFDAVNAAAEQSGKVAIISVGWDPGLFSLNRLLGEVVLPVGNTYTFWGKGVSLGHSGAI
RRIQGVKNAVQYIIPIDEAVNRVRSGENPELSTREKHAMECFVVLEEGADPAKVEHEIKTMPNYFDEYDTTVHFISEEEL
KQNHSGMPNGGFVIRSGKSDEGHKQIIEFSLNLESNPMFTSSALVAYARAAYRLSQNGDKGAKTVFDIPFGLLSPKSPED
LRKELL
;
_entity_poly.pdbx_strand_id   A,B
#
# COMPACT_ATOMS: atom_id res chain seq x y z
N SER A 2 6.06 -24.10 17.70
CA SER A 2 6.59 -24.92 16.62
C SER A 2 6.51 -24.11 15.33
N LYS A 3 7.51 -24.30 14.50
CA LYS A 3 7.57 -23.56 13.21
C LYS A 3 6.37 -23.90 12.33
N ILE A 4 6.04 -22.97 11.43
CA ILE A 4 4.95 -23.19 10.53
C ILE A 4 5.60 -24.03 9.39
N ARG A 5 4.98 -25.17 9.09
CA ARG A 5 5.59 -26.16 8.19
C ARG A 5 5.11 -25.91 6.77
N ILE A 6 6.08 -25.59 5.92
CA ILE A 6 5.80 -25.25 4.54
C ILE A 6 6.18 -26.37 3.56
N GLY A 7 5.32 -26.60 2.55
CA GLY A 7 5.62 -27.47 1.42
C GLY A 7 5.61 -26.62 0.15
N ILE A 8 6.47 -26.94 -0.81
CA ILE A 8 6.54 -26.28 -2.08
C ILE A 8 6.17 -27.26 -3.14
N VAL A 9 5.33 -26.81 -4.04
CA VAL A 9 4.98 -27.58 -5.28
C VAL A 9 5.54 -26.88 -6.48
N GLY A 10 6.55 -27.54 -7.11
CA GLY A 10 7.24 -27.04 -8.23
C GLY A 10 8.59 -26.42 -7.86
N TYR A 11 9.66 -26.78 -8.56
CA TYR A 11 10.99 -26.24 -8.20
C TYR A 11 11.65 -25.56 -9.42
N GLY A 12 10.88 -24.73 -10.09
CA GLY A 12 11.38 -23.70 -11.04
C GLY A 12 11.89 -22.46 -10.34
N ASN A 13 11.96 -21.36 -11.05
CA ASN A 13 12.49 -20.16 -10.48
C ASN A 13 11.69 -19.71 -9.24
N LEU A 14 10.36 -19.85 -9.28
CA LEU A 14 9.51 -19.42 -8.18
C LEU A 14 9.66 -20.35 -6.96
N GLY A 15 9.80 -21.62 -7.19
CA GLY A 15 10.02 -22.58 -6.11
C GLY A 15 11.35 -22.40 -5.45
N ARG A 16 12.39 -22.14 -6.22
CA ARG A 16 13.69 -21.83 -5.64
C ARG A 16 13.62 -20.54 -4.84
N GLY A 17 12.89 -19.55 -5.33
CA GLY A 17 12.72 -18.32 -4.61
C GLY A 17 11.99 -18.49 -3.33
N VAL A 18 11.01 -19.42 -3.28
CA VAL A 18 10.30 -19.64 -2.07
C VAL A 18 11.28 -20.28 -0.99
N GLU A 19 12.04 -21.26 -1.47
CA GLU A 19 13.01 -21.88 -0.59
C GLU A 19 13.95 -20.84 0.03
N ALA A 20 14.43 -19.90 -0.80
CA ALA A 20 15.27 -18.81 -0.42
C ALA A 20 14.59 -17.86 0.58
N ALA A 21 13.34 -17.47 0.29
CA ALA A 21 12.59 -16.69 1.18
C ALA A 21 12.33 -17.31 2.53
N ILE A 22 12.15 -18.62 2.58
CA ILE A 22 11.94 -19.29 3.83
C ILE A 22 13.18 -19.13 4.74
N GLN A 23 14.39 -19.01 4.17
CA GLN A 23 15.58 -18.77 4.99
C GLN A 23 15.52 -17.46 5.72
N GLN A 24 14.83 -16.46 5.15
CA GLN A 24 14.60 -15.18 5.80
C GLN A 24 13.44 -15.06 6.78
N ASN A 25 12.69 -16.14 6.94
CA ASN A 25 11.49 -16.22 7.77
C ASN A 25 11.65 -17.40 8.78
N PRO A 26 12.27 -17.10 9.89
CA PRO A 26 12.68 -18.18 10.85
C PRO A 26 11.56 -18.77 11.66
N ASP A 27 10.36 -18.18 11.60
CA ASP A 27 9.21 -18.91 12.12
C ASP A 27 8.63 -19.97 11.23
N MET A 28 9.21 -20.17 10.04
CA MET A 28 8.82 -21.24 9.15
C MET A 28 9.96 -22.20 8.86
N GLU A 29 9.55 -23.33 8.39
CA GLU A 29 10.46 -24.39 8.06
C GLU A 29 9.94 -25.11 6.77
N LEU A 30 10.83 -25.30 5.82
CA LEU A 30 10.55 -26.02 4.55
C LEU A 30 10.63 -27.50 4.90
N VAL A 31 9.55 -28.18 4.80
CA VAL A 31 9.59 -29.65 5.06
C VAL A 31 9.65 -30.58 3.86
N ALA A 32 9.20 -30.15 2.68
CA ALA A 32 9.20 -30.99 1.50
C ALA A 32 9.01 -30.14 0.24
N VAL A 33 9.55 -30.65 -0.86
CA VAL A 33 9.39 -30.12 -2.17
C VAL A 33 8.71 -31.23 -3.01
N PHE A 34 7.65 -30.87 -3.75
CA PHE A 34 6.95 -31.84 -4.57
C PHE A 34 7.11 -31.42 -6.03
N THR A 35 7.29 -32.39 -6.91
CA THR A 35 7.67 -32.17 -8.29
C THR A 35 6.88 -33.19 -9.13
N ARG A 36 6.66 -32.90 -10.38
CA ARG A 36 6.12 -33.87 -11.30
C ARG A 36 7.22 -34.78 -11.87
N ARG A 37 8.46 -34.35 -11.75
CA ARG A 37 9.65 -35.10 -12.16
C ARG A 37 9.92 -36.28 -11.26
N ASP A 38 10.72 -37.22 -11.71
CA ASP A 38 11.12 -38.27 -10.81
C ASP A 38 11.91 -37.62 -9.66
N PRO A 39 11.52 -37.82 -8.42
CA PRO A 39 12.13 -36.97 -7.37
C PRO A 39 13.61 -37.28 -7.14
N LYS A 40 14.08 -38.50 -7.48
CA LYS A 40 15.53 -38.79 -7.44
C LYS A 40 16.40 -37.90 -8.35
N THR A 41 15.78 -37.25 -9.33
CA THR A 41 16.47 -36.40 -10.22
C THR A 41 16.42 -34.92 -9.91
N VAL A 42 15.88 -34.57 -8.73
CA VAL A 42 15.77 -33.14 -8.38
C VAL A 42 16.79 -32.85 -7.31
N ALA A 43 17.61 -31.86 -7.50
CA ALA A 43 18.58 -31.43 -6.52
C ALA A 43 18.07 -30.15 -5.85
N VAL A 44 17.60 -30.26 -4.63
CA VAL A 44 17.12 -29.10 -3.91
C VAL A 44 18.23 -28.51 -3.04
N LYS A 45 18.43 -27.22 -3.15
CA LYS A 45 19.53 -26.56 -2.48
C LYS A 45 19.61 -26.85 -1.03
N SER A 46 18.48 -26.85 -0.36
CA SER A 46 18.50 -27.01 1.09
C SER A 46 18.50 -28.47 1.52
N ASN A 47 18.48 -29.37 0.55
CA ASN A 47 18.45 -30.81 0.83
C ASN A 47 17.29 -31.28 1.68
N VAL A 48 16.10 -30.66 1.64
CA VAL A 48 14.97 -31.25 2.31
C VAL A 48 14.47 -32.33 1.35
N LYS A 49 13.57 -33.15 1.84
CA LYS A 49 13.07 -34.21 1.00
C LYS A 49 12.30 -33.73 -0.23
N VAL A 50 12.49 -34.46 -1.35
CA VAL A 50 11.77 -34.22 -2.59
C VAL A 50 10.90 -35.44 -2.85
N LEU A 51 9.64 -35.20 -3.16
CA LEU A 51 8.64 -36.22 -3.38
C LEU A 51 7.90 -35.96 -4.66
N HIS A 52 7.28 -36.97 -5.23
CA HIS A 52 6.40 -36.78 -6.37
C HIS A 52 5.07 -36.20 -5.99
N VAL A 53 4.48 -35.31 -6.82
CA VAL A 53 3.16 -34.70 -6.43
C VAL A 53 2.06 -35.72 -6.14
N ASP A 54 2.13 -36.92 -6.76
CA ASP A 54 1.15 -38.00 -6.43
C ASP A 54 1.25 -38.41 -4.96
N ASP A 55 2.37 -38.21 -4.26
CA ASP A 55 2.44 -38.53 -2.83
C ASP A 55 1.96 -37.42 -1.85
N ALA A 56 1.51 -36.28 -2.39
CA ALA A 56 1.34 -35.12 -1.51
C ALA A 56 0.24 -35.36 -0.45
N GLN A 57 -0.86 -35.92 -0.89
CA GLN A 57 -2.00 -36.20 -0.03
C GLN A 57 -1.63 -36.93 1.28
N SER A 58 -0.71 -37.88 1.17
CA SER A 58 -0.26 -38.60 2.39
C SER A 58 0.55 -37.74 3.36
N TYR A 59 1.06 -36.57 2.91
CA TYR A 59 1.70 -35.55 3.76
C TYR A 59 0.77 -34.48 4.35
N LYS A 60 -0.52 -34.74 4.30
CA LYS A 60 -1.59 -33.82 4.77
C LYS A 60 -1.29 -33.33 6.18
N ASP A 61 -0.84 -34.22 7.05
CA ASP A 61 -0.68 -33.79 8.41
C ASP A 61 0.70 -33.37 8.75
N GLU A 62 1.65 -33.32 7.80
CA GLU A 62 3.02 -32.93 8.02
C GLU A 62 3.25 -31.45 7.56
N ILE A 63 2.22 -30.88 6.95
CA ILE A 63 2.45 -29.51 6.31
C ILE A 63 1.30 -28.62 6.71
N ASP A 64 1.64 -27.38 7.10
CA ASP A 64 0.64 -26.34 7.52
C ASP A 64 0.15 -25.57 6.28
N VAL A 65 1.09 -25.22 5.40
CA VAL A 65 0.74 -24.43 4.16
C VAL A 65 1.58 -24.93 3.01
N MET A 66 0.89 -25.17 1.90
CA MET A 66 1.53 -25.56 0.67
C MET A 66 1.60 -24.35 -0.25
N ILE A 67 2.80 -23.99 -0.71
CA ILE A 67 2.97 -22.87 -1.62
C ILE A 67 3.10 -23.47 -3.01
N LEU A 68 2.11 -23.14 -3.85
CA LEU A 68 2.10 -23.63 -5.23
C LEU A 68 2.86 -22.71 -6.16
N CYS A 69 3.94 -23.19 -6.77
CA CYS A 69 4.91 -22.39 -7.44
C CYS A 69 4.97 -22.61 -8.92
N GLY A 70 3.93 -23.27 -9.40
CA GLY A 70 3.74 -23.62 -10.81
C GLY A 70 3.16 -22.40 -11.60
N GLY A 71 3.20 -22.55 -12.93
CA GLY A 71 2.83 -21.45 -13.79
C GLY A 71 1.31 -21.45 -13.94
N SER A 72 0.75 -20.30 -14.35
CA SER A 72 -0.71 -20.21 -14.38
C SER A 72 -1.34 -20.83 -15.62
N ALA A 73 -0.57 -20.95 -16.68
CA ALA A 73 -1.04 -21.45 -17.98
C ALA A 73 -1.42 -22.90 -17.88
N THR A 74 -0.62 -23.75 -17.23
CA THR A 74 -0.95 -25.20 -17.20
C THR A 74 -0.96 -25.90 -15.82
N ASP A 75 -0.02 -25.50 -14.97
CA ASP A 75 0.08 -26.14 -13.65
C ASP A 75 -1.09 -25.76 -12.74
N LEU A 76 -1.26 -24.46 -12.46
CA LEU A 76 -2.18 -24.02 -11.39
C LEU A 76 -3.66 -24.38 -11.65
N PRO A 77 -4.10 -24.33 -12.92
CA PRO A 77 -5.52 -24.62 -13.11
C PRO A 77 -5.96 -25.95 -12.56
N GLU A 78 -5.09 -26.94 -12.66
CA GLU A 78 -5.34 -28.19 -11.98
C GLU A 78 -4.87 -28.16 -10.51
N GLN A 79 -3.64 -27.73 -10.28
CA GLN A 79 -3.04 -27.82 -8.93
C GLN A 79 -3.81 -27.04 -7.79
N GLY A 80 -4.31 -25.83 -8.05
CA GLY A 80 -4.98 -25.06 -7.06
C GLY A 80 -6.14 -25.80 -6.41
N PRO A 81 -7.12 -26.23 -7.24
CA PRO A 81 -8.29 -26.89 -6.69
C PRO A 81 -7.95 -28.25 -6.14
N TYR A 82 -6.93 -28.86 -6.70
CA TYR A 82 -6.42 -30.18 -6.19
C TYR A 82 -5.89 -30.06 -4.76
N PHE A 83 -4.88 -29.22 -4.59
CA PHE A 83 -4.16 -29.09 -3.26
C PHE A 83 -5.03 -28.46 -2.17
N ALA A 84 -6.02 -27.63 -2.58
CA ALA A 84 -6.94 -27.00 -1.65
C ALA A 84 -7.86 -28.01 -1.01
N GLN A 85 -7.93 -29.23 -1.56
CA GLN A 85 -8.69 -30.29 -0.85
C GLN A 85 -8.00 -30.80 0.40
N TYR A 86 -6.67 -30.72 0.47
CA TYR A 86 -5.87 -31.29 1.55
C TYR A 86 -5.04 -30.34 2.35
N PHE A 87 -4.83 -29.07 1.88
CA PHE A 87 -3.83 -28.21 2.50
C PHE A 87 -4.33 -26.77 2.40
N ASN A 88 -3.94 -25.97 3.38
CA ASN A 88 -4.03 -24.48 3.18
C ASN A 88 -3.00 -24.18 2.07
N THR A 89 -3.29 -23.25 1.16
CA THR A 89 -2.47 -23.13 -0.05
C THR A 89 -2.29 -21.67 -0.35
N ILE A 90 -1.19 -21.36 -0.99
CA ILE A 90 -0.91 -20.03 -1.53
C ILE A 90 -0.48 -20.18 -2.99
N ASP A 91 -0.91 -19.30 -3.90
CA ASP A 91 -0.42 -19.37 -5.25
C ASP A 91 -0.30 -17.98 -5.86
N SER A 92 0.29 -17.90 -7.05
CA SER A 92 0.54 -16.64 -7.80
C SER A 92 -0.29 -16.64 -9.12
N PHE A 93 -1.44 -17.19 -9.10
CA PHE A 93 -2.30 -17.26 -10.31
C PHE A 93 -2.49 -15.92 -10.97
N ASP A 94 -2.10 -15.80 -12.25
CA ASP A 94 -2.08 -14.49 -12.80
C ASP A 94 -2.76 -14.42 -14.22
N THR A 95 -3.59 -15.39 -14.55
CA THR A 95 -4.40 -15.29 -15.83
C THR A 95 -5.64 -14.45 -15.58
N HIS A 96 -5.58 -13.16 -15.88
CA HIS A 96 -6.74 -12.25 -15.61
C HIS A 96 -8.09 -12.80 -16.08
N ALA A 97 -8.16 -13.29 -17.30
CA ALA A 97 -9.42 -13.72 -17.82
C ALA A 97 -10.03 -14.89 -17.12
N ARG A 98 -9.18 -15.66 -16.41
CA ARG A 98 -9.59 -16.88 -15.79
C ARG A 98 -9.70 -16.75 -14.27
N ILE A 99 -9.34 -15.57 -13.76
CA ILE A 99 -9.48 -15.29 -12.31
C ILE A 99 -10.78 -15.65 -11.74
N PRO A 100 -11.92 -15.24 -12.30
CA PRO A 100 -13.13 -15.65 -11.61
C PRO A 100 -13.47 -17.14 -11.60
N ASP A 101 -13.16 -17.85 -12.67
CA ASP A 101 -13.36 -19.32 -12.67
C ASP A 101 -12.39 -20.10 -11.71
N TYR A 102 -11.20 -19.59 -11.67
CA TYR A 102 -10.14 -20.14 -10.82
C TYR A 102 -10.52 -19.92 -9.40
N PHE A 103 -10.95 -18.69 -9.02
CA PHE A 103 -11.38 -18.45 -7.67
C PHE A 103 -12.52 -19.34 -7.28
N ASP A 104 -13.55 -19.48 -8.13
CA ASP A 104 -14.63 -20.31 -7.76
C ASP A 104 -14.26 -21.83 -7.57
N ALA A 105 -13.40 -22.35 -8.41
CA ALA A 105 -12.92 -23.75 -8.32
C ALA A 105 -12.13 -24.01 -7.02
N VAL A 106 -11.24 -23.04 -6.73
CA VAL A 106 -10.47 -23.12 -5.50
C VAL A 106 -11.37 -22.97 -4.33
N ASN A 107 -12.29 -22.01 -4.38
CA ASN A 107 -13.21 -21.82 -3.33
C ASN A 107 -14.07 -23.04 -2.95
N ALA A 108 -14.59 -23.68 -3.95
CA ALA A 108 -15.46 -24.85 -3.74
C ALA A 108 -14.66 -25.88 -2.97
N ALA A 109 -13.44 -26.10 -3.45
CA ALA A 109 -12.52 -27.07 -2.82
C ALA A 109 -12.13 -26.75 -1.38
N ALA A 110 -11.68 -25.51 -1.12
CA ALA A 110 -11.36 -25.06 0.21
C ALA A 110 -12.50 -25.00 1.17
N GLU A 111 -13.68 -24.54 0.72
CA GLU A 111 -14.87 -24.53 1.56
C GLU A 111 -15.22 -25.97 2.00
N GLN A 112 -15.12 -26.93 1.11
CA GLN A 112 -15.47 -28.33 1.50
C GLN A 112 -14.42 -28.94 2.43
N SER A 113 -13.12 -28.72 2.15
CA SER A 113 -12.04 -29.14 3.04
C SER A 113 -11.83 -28.50 4.38
N GLY A 114 -12.32 -27.26 4.54
CA GLY A 114 -12.04 -26.45 5.72
C GLY A 114 -10.69 -25.81 5.69
N LYS A 115 -10.09 -25.69 4.50
CA LYS A 115 -8.73 -25.09 4.38
C LYS A 115 -8.86 -23.67 3.86
N VAL A 116 -7.84 -22.89 4.10
CA VAL A 116 -7.72 -21.52 3.53
C VAL A 116 -6.79 -21.53 2.32
N ALA A 117 -7.30 -20.98 1.20
CA ALA A 117 -6.49 -20.82 -0.01
C ALA A 117 -6.40 -19.38 -0.41
N ILE A 118 -5.19 -18.85 -0.52
CA ILE A 118 -5.05 -17.45 -0.93
C ILE A 118 -4.46 -17.47 -2.35
N ILE A 119 -5.26 -17.02 -3.31
CA ILE A 119 -4.86 -17.00 -4.67
C ILE A 119 -4.31 -15.66 -5.15
N SER A 120 -3.63 -15.69 -6.27
CA SER A 120 -3.16 -14.51 -6.94
C SER A 120 -2.32 -13.57 -6.12
N VAL A 121 -1.38 -14.16 -5.35
CA VAL A 121 -0.43 -13.33 -4.57
C VAL A 121 0.82 -13.08 -5.38
N GLY A 122 1.45 -11.95 -5.18
CA GLY A 122 2.65 -11.60 -5.90
C GLY A 122 2.70 -10.12 -5.95
N TRP A 123 3.26 -9.56 -7.03
CA TRP A 123 3.24 -8.12 -7.11
C TRP A 123 2.24 -7.57 -8.12
N ASP A 124 1.98 -8.30 -9.20
CA ASP A 124 0.80 -7.98 -9.98
C ASP A 124 0.34 -9.19 -10.72
N PRO A 125 -0.70 -9.86 -10.25
CA PRO A 125 -1.60 -9.44 -9.18
C PRO A 125 -0.93 -9.57 -7.83
N GLY A 126 -1.49 -8.83 -6.87
CA GLY A 126 -1.02 -8.86 -5.47
C GLY A 126 -0.84 -7.49 -4.93
N LEU A 127 0.40 -7.03 -4.76
CA LEU A 127 0.70 -5.78 -4.16
C LEU A 127 0.16 -4.58 -5.01
N PHE A 128 0.32 -4.68 -6.32
CA PHE A 128 -0.25 -3.67 -7.21
C PHE A 128 -1.79 -3.62 -7.12
N SER A 129 -2.45 -4.77 -7.05
CA SER A 129 -3.92 -4.89 -6.87
C SER A 129 -4.38 -4.18 -5.64
N LEU A 130 -3.64 -4.36 -4.54
CA LEU A 130 -3.96 -3.69 -3.26
C LEU A 130 -3.86 -2.21 -3.44
N ASN A 131 -2.83 -1.76 -4.19
CA ASN A 131 -2.62 -0.31 -4.36
C ASN A 131 -3.64 0.31 -5.25
N ARG A 132 -3.99 -0.44 -6.29
CA ARG A 132 -5.10 0.06 -7.12
C ARG A 132 -6.38 0.24 -6.29
N LEU A 133 -6.69 -0.72 -5.39
CA LEU A 133 -7.83 -0.63 -4.54
C LEU A 133 -7.77 0.56 -3.56
N LEU A 134 -6.66 0.64 -2.83
CA LEU A 134 -6.48 1.70 -1.91
C LEU A 134 -6.69 3.05 -2.52
N GLY A 135 -6.15 3.21 -3.72
CA GLY A 135 -6.20 4.49 -4.47
C GLY A 135 -7.67 4.83 -4.71
N GLU A 136 -8.41 3.88 -5.21
CA GLU A 136 -9.76 4.21 -5.54
C GLU A 136 -10.71 4.36 -4.36
N VAL A 137 -10.43 3.79 -3.20
CA VAL A 137 -11.32 3.97 -2.05
C VAL A 137 -10.94 5.27 -1.32
N VAL A 138 -9.67 5.60 -1.23
CA VAL A 138 -9.27 6.91 -0.62
C VAL A 138 -9.49 8.11 -1.55
N LEU A 139 -9.39 7.89 -2.87
CA LEU A 139 -9.60 9.00 -3.83
C LEU A 139 -10.63 8.52 -4.86
N PRO A 140 -11.89 8.52 -4.46
CA PRO A 140 -12.90 7.92 -5.36
C PRO A 140 -13.13 8.64 -6.65
N VAL A 141 -12.77 9.90 -6.71
CA VAL A 141 -12.84 10.66 -7.92
C VAL A 141 -11.46 10.84 -8.43
N GLY A 142 -11.13 10.08 -9.50
CA GLY A 142 -9.78 10.16 -10.06
C GLY A 142 -9.52 9.04 -11.04
N ASN A 143 -8.30 8.89 -11.46
CA ASN A 143 -7.93 7.87 -12.40
C ASN A 143 -6.76 7.05 -11.78
N THR A 144 -6.73 5.78 -12.14
CA THR A 144 -5.59 4.88 -11.86
C THR A 144 -4.85 4.52 -13.07
N TYR A 145 -3.55 4.57 -12.92
CA TYR A 145 -2.61 4.06 -13.93
C TYR A 145 -1.63 3.02 -13.37
N THR A 146 -1.43 1.97 -14.14
CA THR A 146 -0.43 0.92 -13.78
C THR A 146 0.61 0.81 -14.90
N PHE A 147 1.85 0.91 -14.55
CA PHE A 147 2.98 0.71 -15.42
C PHE A 147 3.81 -0.47 -14.97
N TRP A 148 4.29 -1.26 -15.91
N TRP A 148 4.27 -1.31 -15.89
CA TRP A 148 5.17 -2.43 -15.67
CA TRP A 148 5.28 -2.31 -15.54
C TRP A 148 6.60 -2.21 -16.26
C TRP A 148 6.64 -2.09 -16.19
N GLY A 149 7.63 -2.60 -15.50
CA GLY A 149 9.01 -2.56 -15.92
C GLY A 149 9.73 -1.37 -15.34
N LYS A 150 10.97 -1.13 -15.74
CA LYS A 150 11.65 -1.87 -16.77
C LYS A 150 11.95 -3.21 -16.26
N GLY A 151 11.77 -4.17 -17.11
CA GLY A 151 11.84 -5.54 -16.72
C GLY A 151 11.74 -6.53 -17.83
N VAL A 152 12.34 -7.67 -17.54
CA VAL A 152 12.21 -8.80 -18.44
C VAL A 152 10.81 -9.26 -18.41
N SER A 153 10.27 -9.50 -19.57
CA SER A 153 8.94 -10.00 -19.70
C SER A 153 8.91 -11.45 -20.23
N LEU A 154 8.02 -12.29 -19.69
CA LEU A 154 7.83 -13.69 -20.17
C LEU A 154 6.37 -13.98 -20.53
N GLY A 158 9.20 -16.06 -25.84
CA GLY A 158 8.69 -17.42 -26.09
C GLY A 158 8.18 -17.78 -27.49
N ALA A 159 7.14 -17.10 -27.96
CA ALA A 159 6.70 -17.16 -29.38
C ALA A 159 7.70 -16.40 -30.31
N ILE A 160 8.48 -15.47 -29.72
CA ILE A 160 9.66 -14.88 -30.39
C ILE A 160 10.63 -15.95 -30.89
N ARG A 161 10.78 -17.01 -30.11
CA ARG A 161 11.76 -18.03 -30.43
C ARG A 161 11.28 -19.08 -31.42
N ARG A 162 9.98 -19.11 -31.71
CA ARG A 162 9.43 -19.92 -32.81
C ARG A 162 9.65 -19.22 -34.15
N ILE A 163 9.86 -17.91 -34.10
CA ILE A 163 10.18 -17.12 -35.29
C ILE A 163 11.49 -17.56 -35.89
N GLN A 164 11.46 -17.75 -37.20
CA GLN A 164 12.56 -18.32 -37.94
C GLN A 164 13.71 -17.35 -37.98
N GLY A 165 14.89 -17.86 -37.67
CA GLY A 165 16.13 -17.06 -37.71
C GLY A 165 16.58 -16.59 -36.32
N VAL A 166 15.70 -16.77 -35.34
CA VAL A 166 16.00 -16.42 -33.93
C VAL A 166 16.47 -17.66 -33.14
N LYS A 167 17.75 -17.63 -32.74
CA LYS A 167 18.36 -18.67 -31.92
C LYS A 167 17.95 -18.55 -30.47
N ASN A 168 17.98 -17.33 -29.93
CA ASN A 168 17.51 -17.06 -28.55
C ASN A 168 17.09 -15.62 -28.48
N ALA A 169 16.36 -15.23 -27.43
CA ALA A 169 16.03 -13.79 -27.31
C ALA A 169 15.55 -13.51 -25.88
N VAL A 170 15.65 -12.26 -25.50
CA VAL A 170 15.10 -11.81 -24.18
C VAL A 170 14.39 -10.47 -24.48
N GLN A 171 13.18 -10.33 -23.93
CA GLN A 171 12.33 -9.17 -24.23
C GLN A 171 12.04 -8.38 -22.94
N TYR A 172 12.11 -7.05 -23.04
CA TYR A 172 11.88 -6.11 -21.92
C TYR A 172 10.61 -5.32 -22.20
N ILE A 173 9.84 -5.07 -21.13
CA ILE A 173 8.80 -4.07 -21.13
C ILE A 173 9.28 -2.86 -20.41
N ILE A 174 9.02 -1.70 -20.99
CA ILE A 174 9.60 -0.44 -20.46
C ILE A 174 8.54 0.66 -20.37
N PRO A 175 8.33 1.23 -19.16
CA PRO A 175 7.32 2.27 -19.21
C PRO A 175 7.87 3.52 -19.95
N ILE A 176 7.02 4.23 -20.68
CA ILE A 176 7.42 5.49 -21.36
C ILE A 176 7.43 6.67 -20.36
N ASP A 177 8.61 7.19 -20.07
CA ASP A 177 8.86 8.22 -19.04
C ASP A 177 7.91 9.43 -19.18
N GLU A 178 7.65 9.84 -20.40
CA GLU A 178 6.79 10.97 -20.59
C GLU A 178 5.37 10.71 -20.11
N ALA A 179 4.85 9.50 -20.37
CA ALA A 179 3.50 9.12 -19.92
C ALA A 179 3.46 9.12 -18.39
N VAL A 180 4.49 8.56 -17.77
CA VAL A 180 4.57 8.47 -16.29
C VAL A 180 4.60 9.89 -15.76
N ASN A 181 5.41 10.75 -16.38
CA ASN A 181 5.45 12.20 -16.01
C ASN A 181 4.16 13.00 -16.08
N ARG A 182 3.40 12.82 -17.15
CA ARG A 182 2.08 13.33 -17.29
C ARG A 182 1.10 12.82 -16.21
N VAL A 183 1.20 11.54 -15.90
CA VAL A 183 0.38 11.03 -14.82
C VAL A 183 0.80 11.67 -13.51
N ARG A 184 2.09 11.73 -13.23
CA ARG A 184 2.53 12.27 -11.95
C ARG A 184 2.20 13.74 -11.81
N SER A 185 2.06 14.47 -12.93
CA SER A 185 1.65 15.87 -12.86
C SER A 185 0.21 16.12 -12.53
N GLY A 186 -0.63 15.10 -12.52
CA GLY A 186 -2.05 15.28 -12.25
C GLY A 186 -2.88 15.77 -13.42
N GLU A 187 -2.39 15.56 -14.63
CA GLU A 187 -3.08 15.91 -15.87
C GLU A 187 -4.24 14.94 -16.10
N ASN A 188 -4.21 13.74 -15.51
CA ASN A 188 -5.22 12.76 -15.77
C ASN A 188 -5.44 12.52 -17.26
N PRO A 189 -4.34 12.19 -17.96
CA PRO A 189 -4.31 11.89 -19.40
C PRO A 189 -5.04 10.66 -19.80
N GLU A 190 -5.65 10.71 -20.99
CA GLU A 190 -6.19 9.58 -21.65
C GLU A 190 -5.07 8.91 -22.46
N LEU A 191 -4.53 7.77 -21.98
CA LEU A 191 -3.30 7.21 -22.56
C LEU A 191 -3.65 5.93 -23.26
N SER A 192 -3.22 5.77 -24.50
CA SER A 192 -3.41 4.50 -25.20
C SER A 192 -2.37 3.48 -24.67
N THR A 193 -2.61 2.22 -24.96
CA THR A 193 -1.57 1.19 -24.78
C THR A 193 -0.17 1.58 -25.28
N ARG A 194 -0.12 2.09 -26.51
CA ARG A 194 1.16 2.48 -27.14
C ARG A 194 1.85 3.68 -26.52
N GLU A 195 1.08 4.51 -25.83
CA GLU A 195 1.60 5.65 -25.16
C GLU A 195 2.24 5.31 -23.82
N LYS A 196 1.85 4.18 -23.23
CA LYS A 196 2.35 3.82 -21.83
C LYS A 196 3.63 2.97 -21.75
N HIS A 197 3.86 2.03 -22.68
CA HIS A 197 5.01 1.16 -22.66
C HIS A 197 5.59 0.95 -24.04
N ALA A 198 6.90 0.79 -24.02
CA ALA A 198 7.77 0.43 -25.18
C ALA A 198 8.31 -0.96 -24.93
N MET A 199 8.59 -1.73 -26.00
CA MET A 199 9.16 -3.04 -25.83
C MET A 199 10.53 -3.02 -26.46
N GLU A 200 11.48 -3.70 -25.84
CA GLU A 200 12.82 -3.84 -26.35
C GLU A 200 13.16 -5.32 -26.45
N CYS A 201 13.61 -5.83 -27.61
N CYS A 201 13.65 -5.81 -27.57
CA CYS A 201 13.94 -7.25 -27.78
CA CYS A 201 13.94 -7.20 -27.80
C CYS A 201 15.43 -7.36 -28.15
C CYS A 201 15.42 -7.39 -28.18
N PHE A 202 16.13 -8.26 -27.47
CA PHE A 202 17.52 -8.67 -27.77
C PHE A 202 17.51 -10.05 -28.33
N VAL A 203 18.03 -10.20 -29.57
CA VAL A 203 17.88 -11.41 -30.31
C VAL A 203 19.27 -11.94 -30.75
N VAL A 204 19.51 -13.22 -30.66
CA VAL A 204 20.74 -13.86 -31.14
C VAL A 204 20.22 -14.49 -32.41
N LEU A 205 20.79 -14.04 -33.53
CA LEU A 205 20.45 -14.59 -34.85
C LEU A 205 21.02 -15.98 -35.01
N GLU A 206 20.23 -16.90 -35.53
CA GLU A 206 20.79 -18.15 -36.05
C GLU A 206 21.82 -17.82 -37.14
N GLU A 207 22.88 -18.61 -37.23
CA GLU A 207 23.87 -18.48 -38.33
C GLU A 207 23.16 -18.30 -39.71
N GLY A 208 23.53 -17.22 -40.41
CA GLY A 208 22.97 -16.92 -41.74
C GLY A 208 21.48 -16.65 -41.81
N ALA A 209 20.89 -16.09 -40.75
CA ALA A 209 19.50 -15.65 -40.79
C ALA A 209 19.58 -14.27 -41.33
N ASP A 210 18.45 -13.78 -41.84
CA ASP A 210 18.38 -12.41 -42.38
C ASP A 210 17.91 -11.39 -41.30
N PRO A 211 18.81 -10.49 -40.84
CA PRO A 211 18.42 -9.57 -39.74
C PRO A 211 17.15 -8.75 -40.02
N ALA A 212 17.03 -8.25 -41.24
CA ALA A 212 15.90 -7.40 -41.55
C ALA A 212 14.56 -8.18 -41.54
N LYS A 213 14.52 -9.43 -42.03
CA LYS A 213 13.27 -10.21 -42.03
C LYS A 213 12.88 -10.58 -40.55
N VAL A 214 13.88 -10.95 -39.79
CA VAL A 214 13.68 -11.28 -38.36
C VAL A 214 13.10 -10.07 -37.62
N GLU A 215 13.72 -8.89 -37.82
CA GLU A 215 13.20 -7.65 -37.23
C GLU A 215 11.76 -7.37 -37.60
N HIS A 216 11.44 -7.53 -38.87
CA HIS A 216 10.09 -7.18 -39.32
C HIS A 216 9.09 -8.20 -38.74
N GLU A 217 9.54 -9.47 -38.62
CA GLU A 217 8.66 -10.56 -38.10
C GLU A 217 8.31 -10.30 -36.63
N ILE A 218 9.30 -9.92 -35.82
CA ILE A 218 9.08 -9.61 -34.42
C ILE A 218 8.13 -8.42 -34.27
N LYS A 219 8.36 -7.36 -35.03
CA LYS A 219 7.61 -6.14 -34.83
C LYS A 219 6.14 -6.29 -35.18
N THR A 220 5.83 -7.19 -36.08
CA THR A 220 4.48 -7.46 -36.52
C THR A 220 3.90 -8.76 -35.97
N MET A 221 4.44 -9.25 -34.86
CA MET A 221 3.84 -10.40 -34.19
C MET A 221 2.38 -10.05 -33.85
N PRO A 222 1.43 -10.95 -34.18
CA PRO A 222 0.00 -10.69 -33.97
C PRO A 222 -0.43 -10.12 -32.60
N PHE A 225 3.56 -7.55 -30.02
CA PHE A 225 4.45 -6.40 -30.32
C PHE A 225 3.89 -5.34 -31.25
N ASP A 226 2.90 -5.72 -32.08
CA ASP A 226 2.34 -4.84 -33.08
C ASP A 226 1.57 -3.73 -32.41
N GLU A 227 1.13 -4.01 -31.18
CA GLU A 227 0.49 -2.96 -30.34
C GLU A 227 1.44 -1.92 -29.72
N TYR A 228 2.75 -2.20 -29.67
CA TYR A 228 3.74 -1.28 -29.12
C TYR A 228 4.84 -0.89 -30.08
N ASP A 229 5.41 0.26 -29.86
CA ASP A 229 6.71 0.56 -30.42
C ASP A 229 7.81 -0.30 -29.82
N THR A 230 8.49 -1.00 -30.72
CA THR A 230 9.39 -2.08 -30.34
C THR A 230 10.73 -1.87 -31.01
N THR A 231 11.79 -2.04 -30.24
CA THR A 231 13.13 -2.02 -30.73
C THR A 231 13.72 -3.40 -30.70
N VAL A 232 14.37 -3.81 -31.80
CA VAL A 232 15.07 -5.02 -31.83
C VAL A 232 16.61 -4.78 -31.80
N HIS A 233 17.32 -5.51 -30.99
CA HIS A 233 18.80 -5.51 -30.98
C HIS A 233 19.33 -6.89 -31.22
N PHE A 234 20.21 -7.03 -32.23
CA PHE A 234 20.85 -8.28 -32.52
C PHE A 234 22.17 -8.39 -31.73
N ILE A 235 22.41 -9.53 -31.08
CA ILE A 235 23.57 -9.74 -30.24
C ILE A 235 24.07 -11.17 -30.31
N SER A 236 25.21 -11.41 -29.68
CA SER A 236 25.80 -12.75 -29.68
C SER A 236 25.28 -13.56 -28.53
N GLU A 237 25.48 -14.87 -28.59
CA GLU A 237 25.07 -15.78 -27.56
C GLU A 237 25.83 -15.52 -26.25
N GLU A 238 27.08 -15.07 -26.36
CA GLU A 238 27.92 -14.72 -25.16
C GLU A 238 27.33 -13.48 -24.52
N GLU A 239 26.89 -12.55 -25.37
CA GLU A 239 26.29 -11.26 -24.93
C GLU A 239 24.93 -11.39 -24.21
N LEU A 240 24.19 -12.41 -24.57
CA LEU A 240 22.88 -12.66 -23.95
C LEU A 240 23.08 -13.44 -22.64
N LYS A 241 24.04 -14.34 -22.63
CA LYS A 241 24.33 -15.08 -21.42
C LYS A 241 24.88 -14.17 -20.32
N GLN A 242 25.80 -13.28 -20.72
CA GLN A 242 26.50 -12.44 -19.77
C GLN A 242 25.57 -11.34 -19.28
N ASN A 243 24.81 -10.74 -20.18
CA ASN A 243 24.06 -9.52 -19.83
C ASN A 243 22.53 -9.62 -19.73
N HIS A 244 21.95 -10.73 -20.04
CA HIS A 244 20.44 -10.80 -20.04
C HIS A 244 19.93 -12.03 -19.35
N SER A 245 20.73 -12.49 -18.36
CA SER A 245 20.39 -13.66 -17.57
C SER A 245 19.57 -13.28 -16.36
N GLY A 246 19.66 -12.03 -15.93
CA GLY A 246 18.92 -11.53 -14.79
C GLY A 246 17.43 -11.39 -15.05
N MET A 247 16.64 -11.34 -14.00
CA MET A 247 15.20 -11.16 -14.11
C MET A 247 14.72 -9.93 -13.32
N PRO A 248 15.30 -8.74 -13.75
CA PRO A 248 14.80 -7.54 -13.05
C PRO A 248 13.38 -7.19 -13.43
N ASN A 249 12.70 -6.43 -12.60
CA ASN A 249 11.43 -5.91 -12.96
C ASN A 249 11.05 -4.78 -11.96
N GLY A 250 9.88 -4.30 -12.12
CA GLY A 250 9.45 -3.13 -11.44
C GLY A 250 8.13 -2.59 -12.02
N GLY A 251 7.78 -1.44 -11.52
CA GLY A 251 6.62 -0.72 -11.98
C GLY A 251 6.05 0.26 -10.98
N PHE A 252 4.89 0.75 -11.36
CA PHE A 252 4.23 1.87 -10.72
C PHE A 252 2.76 1.68 -10.76
N VAL A 253 2.08 1.93 -9.62
CA VAL A 253 0.65 2.16 -9.57
C VAL A 253 0.46 3.57 -9.04
N ILE A 254 -0.27 4.40 -9.85
CA ILE A 254 -0.49 5.76 -9.46
C ILE A 254 -1.97 6.04 -9.47
N ARG A 255 -2.47 6.67 -8.41
CA ARG A 255 -3.81 7.19 -8.34
C ARG A 255 -3.73 8.69 -8.32
N SER A 256 -4.35 9.30 -9.31
CA SER A 256 -4.37 10.72 -9.43
C SER A 256 -5.80 11.16 -9.25
N GLY A 257 -6.07 11.84 -8.14
CA GLY A 257 -7.42 12.22 -7.83
C GLY A 257 -7.63 13.65 -7.39
N LYS A 258 -8.86 13.96 -7.04
CA LYS A 258 -9.24 15.29 -6.63
C LYS A 258 -10.15 15.29 -5.42
N SER A 259 -9.96 16.23 -4.52
CA SER A 259 -10.90 16.42 -3.45
C SER A 259 -12.16 17.04 -4.04
N ASP A 260 -13.23 17.10 -3.27
CA ASP A 260 -14.46 17.71 -3.74
C ASP A 260 -14.35 19.21 -3.99
N GLU A 261 -13.24 19.80 -3.59
CA GLU A 261 -12.95 21.20 -3.78
C GLU A 261 -11.84 21.44 -4.79
N GLY A 262 -11.44 20.38 -5.49
CA GLY A 262 -10.53 20.50 -6.59
C GLY A 262 -9.06 20.29 -6.32
N HIS A 263 -8.69 19.98 -5.09
CA HIS A 263 -7.30 19.74 -4.75
C HIS A 263 -6.78 18.46 -5.41
N LYS A 264 -5.63 18.55 -6.05
CA LYS A 264 -5.00 17.42 -6.67
C LYS A 264 -4.28 16.59 -5.65
N GLN A 265 -4.64 15.34 -5.58
CA GLN A 265 -4.06 14.40 -4.64
C GLN A 265 -3.47 13.20 -5.41
N ILE A 266 -2.21 12.88 -5.17
CA ILE A 266 -1.56 11.82 -5.90
C ILE A 266 -0.92 10.76 -4.98
N ILE A 267 -1.29 9.50 -5.18
CA ILE A 267 -0.72 8.38 -4.47
C ILE A 267 0.12 7.58 -5.45
N GLU A 268 1.33 7.19 -5.06
CA GLU A 268 2.15 6.34 -5.91
C GLU A 268 2.75 5.18 -5.13
N PHE A 269 2.72 4.01 -5.70
CA PHE A 269 3.37 2.80 -5.14
C PHE A 269 4.25 2.29 -6.19
N SER A 270 5.51 2.04 -5.85
CA SER A 270 6.47 1.58 -6.89
C SER A 270 7.40 0.44 -6.41
N LEU A 271 7.80 -0.39 -7.38
CA LEU A 271 8.75 -1.45 -7.15
C LEU A 271 9.97 -1.33 -8.12
N ASN A 272 11.14 -1.56 -7.54
CA ASN A 272 12.44 -1.62 -8.28
C ASN A 272 13.17 -2.84 -7.81
N LEU A 273 13.08 -3.89 -8.61
CA LEU A 273 13.48 -5.23 -8.24
C LEU A 273 14.69 -5.70 -9.06
N GLU A 274 15.69 -6.18 -8.39
CA GLU A 274 16.76 -6.93 -9.11
C GLU A 274 16.37 -8.38 -9.46
N SER A 275 15.36 -8.98 -8.79
CA SER A 275 14.87 -10.29 -9.08
C SER A 275 13.38 -10.36 -8.86
N ASN A 276 12.68 -10.42 -9.96
CA ASN A 276 11.23 -10.68 -10.02
C ASN A 276 10.80 -11.93 -9.27
N PRO A 277 11.41 -13.09 -9.57
CA PRO A 277 10.96 -14.26 -8.95
C PRO A 277 11.23 -14.31 -7.46
N MET A 278 12.37 -13.79 -7.02
CA MET A 278 12.67 -13.76 -5.58
C MET A 278 11.71 -12.85 -4.85
N PHE A 279 11.25 -11.74 -5.48
CA PHE A 279 10.30 -10.84 -4.82
C PHE A 279 8.91 -11.46 -4.72
N THR A 280 8.36 -12.02 -5.82
CA THR A 280 7.15 -12.74 -5.80
C THR A 280 7.18 -13.80 -4.71
N SER A 281 8.28 -14.60 -4.67
CA SER A 281 8.43 -15.64 -3.65
C SER A 281 8.33 -15.14 -2.21
N SER A 282 8.96 -14.05 -1.95
CA SER A 282 8.97 -13.46 -0.62
C SER A 282 7.58 -13.04 -0.23
N ALA A 283 6.80 -12.48 -1.20
CA ALA A 283 5.41 -12.21 -0.93
C ALA A 283 4.59 -13.48 -0.67
N LEU A 284 4.80 -14.55 -1.41
CA LEU A 284 4.10 -15.84 -1.22
C LEU A 284 4.30 -16.30 0.25
N VAL A 285 5.52 -16.21 0.75
CA VAL A 285 5.86 -16.67 2.12
C VAL A 285 5.22 -15.81 3.16
N ALA A 286 5.16 -14.49 2.97
CA ALA A 286 4.40 -13.61 3.93
C ALA A 286 2.95 -14.00 3.98
N TYR A 287 2.30 -14.23 2.80
CA TYR A 287 0.91 -14.61 2.82
C TYR A 287 0.68 -16.03 3.34
N ALA A 288 1.69 -16.89 3.26
CA ALA A 288 1.52 -18.24 3.85
C ALA A 288 1.34 -18.12 5.40
N ARG A 289 1.99 -17.14 5.99
CA ARG A 289 1.79 -16.84 7.42
C ARG A 289 0.37 -16.47 7.70
N ALA A 290 -0.22 -15.59 6.85
CA ALA A 290 -1.58 -15.24 7.03
C ALA A 290 -2.53 -16.39 6.83
N ALA A 291 -2.32 -17.24 5.83
CA ALA A 291 -3.18 -18.37 5.60
C ALA A 291 -3.17 -19.30 6.84
N TYR A 292 -1.99 -19.52 7.39
CA TYR A 292 -1.84 -20.35 8.65
C TYR A 292 -2.69 -19.70 9.77
N ARG A 293 -2.51 -18.41 10.00
CA ARG A 293 -3.22 -17.72 11.08
C ARG A 293 -4.73 -17.81 10.89
N LEU A 294 -5.22 -17.53 9.69
CA LEU A 294 -6.64 -17.66 9.34
C LEU A 294 -7.21 -19.08 9.58
N SER A 295 -6.46 -20.05 9.13
CA SER A 295 -6.85 -21.46 9.27
C SER A 295 -6.93 -21.81 10.78
N GLN A 296 -5.95 -21.40 11.54
CA GLN A 296 -5.93 -21.64 13.00
C GLN A 296 -7.09 -20.95 13.74
N ASN A 297 -7.64 -19.88 13.19
CA ASN A 297 -8.81 -19.19 13.73
C ASN A 297 -10.08 -19.72 13.20
N GLY A 298 -10.00 -20.72 12.34
CA GLY A 298 -11.12 -21.45 11.93
C GLY A 298 -11.74 -20.88 10.71
N ASP A 299 -11.03 -20.04 9.96
CA ASP A 299 -11.54 -19.59 8.64
C ASP A 299 -11.34 -20.69 7.56
N LYS A 300 -11.95 -20.52 6.40
CA LYS A 300 -11.83 -21.43 5.28
C LYS A 300 -12.23 -20.75 4.03
N GLY A 301 -12.00 -21.39 2.91
CA GLY A 301 -12.41 -20.95 1.63
C GLY A 301 -11.28 -20.16 0.90
N ALA A 302 -11.55 -19.79 -0.31
CA ALA A 302 -10.61 -19.01 -1.15
C ALA A 302 -10.66 -17.54 -0.79
N LYS A 303 -9.44 -16.97 -0.80
CA LYS A 303 -9.19 -15.54 -0.44
C LYS A 303 -8.30 -14.97 -1.48
N THR A 304 -8.36 -13.66 -1.64
CA THR A 304 -7.36 -12.90 -2.33
C THR A 304 -6.74 -11.91 -1.40
N VAL A 305 -5.77 -11.16 -1.89
CA VAL A 305 -5.16 -10.11 -1.10
C VAL A 305 -6.17 -9.16 -0.54
N PHE A 306 -7.34 -8.98 -1.17
CA PHE A 306 -8.33 -8.05 -0.68
C PHE A 306 -8.99 -8.49 0.61
N ASP A 307 -8.80 -9.75 0.98
CA ASP A 307 -9.45 -10.30 2.13
C ASP A 307 -8.49 -10.43 3.32
N ILE A 308 -7.21 -10.12 3.18
CA ILE A 308 -6.20 -10.36 4.22
C ILE A 308 -5.76 -9.10 4.90
N PRO A 309 -6.09 -8.90 6.16
CA PRO A 309 -5.53 -7.71 6.89
C PRO A 309 -4.08 -7.85 7.11
N PHE A 310 -3.39 -6.72 6.96
CA PHE A 310 -1.94 -6.76 6.87
C PHE A 310 -1.32 -7.28 8.16
N GLY A 311 -1.94 -7.07 9.31
CA GLY A 311 -1.34 -7.61 10.52
C GLY A 311 -1.09 -9.10 10.53
N LEU A 312 -1.94 -9.88 9.87
CA LEU A 312 -1.72 -11.33 9.74
C LEU A 312 -0.48 -11.75 9.03
N LEU A 313 0.10 -10.83 8.25
CA LEU A 313 1.32 -11.14 7.50
C LEU A 313 2.62 -11.12 8.33
N SER A 314 2.52 -10.56 9.54
CA SER A 314 3.68 -10.32 10.36
C SER A 314 3.83 -11.38 11.51
N PRO A 315 5.07 -11.80 11.75
CA PRO A 315 5.34 -12.72 12.90
C PRO A 315 5.23 -11.97 14.25
N LYS A 316 5.08 -10.66 14.22
CA LYS A 316 4.95 -9.85 15.44
C LYS A 316 3.55 -9.85 15.97
N SER A 317 3.41 -9.61 17.29
CA SER A 317 2.10 -9.58 17.86
C SER A 317 1.34 -8.32 17.44
N PRO A 318 0.01 -8.35 17.53
CA PRO A 318 -0.70 -7.16 17.15
C PRO A 318 -0.33 -5.92 18.03
N GLU A 319 -0.11 -6.17 19.33
CA GLU A 319 0.34 -5.14 20.20
C GLU A 319 1.69 -4.55 19.83
N ASP A 320 2.67 -5.39 19.47
CA ASP A 320 3.95 -4.91 19.06
C ASP A 320 3.92 -4.14 17.76
N LEU A 321 3.03 -4.51 16.86
CA LEU A 321 2.85 -3.74 15.61
C LEU A 321 2.31 -2.38 15.91
N ARG A 322 1.34 -2.30 16.79
CA ARG A 322 0.83 -0.98 17.16
C ARG A 322 1.89 -0.06 17.78
N LYS A 323 2.69 -0.60 18.67
CA LYS A 323 3.75 0.16 19.29
C LYS A 323 4.84 0.57 18.35
N GLU A 324 5.29 -0.31 17.43
CA GLU A 324 6.44 -0.12 16.55
C GLU A 324 6.16 0.64 15.27
N LEU A 325 5.04 0.34 14.65
CA LEU A 325 4.87 0.71 13.25
C LEU A 325 3.77 1.67 13.01
N LEU A 326 2.82 1.79 13.92
CA LEU A 326 1.63 2.49 13.57
C LEU A 326 1.86 3.98 13.67
N SER B 2 -30.02 0.94 3.51
CA SER B 2 -29.69 1.69 2.28
C SER B 2 -28.40 2.51 2.60
N LYS B 3 -28.45 3.83 2.58
CA LYS B 3 -27.23 4.61 2.77
C LYS B 3 -26.70 4.48 4.17
N ILE B 4 -25.35 4.48 4.26
CA ILE B 4 -24.68 4.40 5.52
C ILE B 4 -24.74 5.84 6.14
N ARG B 5 -25.24 5.92 7.34
CA ARG B 5 -25.58 7.23 7.98
C ARG B 5 -24.36 7.68 8.80
N ILE B 6 -23.76 8.82 8.43
CA ILE B 6 -22.55 9.26 9.07
C ILE B 6 -22.84 10.47 9.97
N GLY B 7 -22.19 10.53 11.12
CA GLY B 7 -22.19 11.73 11.90
C GLY B 7 -20.76 12.23 12.00
N ILE B 8 -20.57 13.56 12.17
CA ILE B 8 -19.22 14.19 12.29
C ILE B 8 -19.16 14.85 13.65
N VAL B 9 -18.11 14.62 14.42
CA VAL B 9 -17.84 15.36 15.65
C VAL B 9 -16.70 16.30 15.39
N GLY B 10 -16.98 17.60 15.42
CA GLY B 10 -15.95 18.61 15.24
C GLY B 10 -16.01 19.18 13.85
N TYR B 11 -16.06 20.50 13.72
CA TYR B 11 -16.20 21.11 12.42
C TYR B 11 -15.07 22.05 12.09
N GLY B 12 -13.88 21.64 12.47
CA GLY B 12 -12.66 22.24 11.88
C GLY B 12 -12.30 21.79 10.45
N ASN B 13 -11.02 21.90 10.14
CA ASN B 13 -10.52 21.57 8.77
C ASN B 13 -10.85 20.07 8.47
N LEU B 14 -10.69 19.18 9.46
CA LEU B 14 -10.94 17.79 9.19
C LEU B 14 -12.41 17.45 9.04
N GLY B 15 -13.23 18.04 9.88
CA GLY B 15 -14.69 17.93 9.74
C GLY B 15 -15.23 18.42 8.47
N ARG B 16 -14.77 19.58 8.03
N ARG B 16 -14.76 19.57 8.03
CA ARG B 16 -15.09 20.09 6.74
CA ARG B 16 -15.13 20.05 6.73
C ARG B 16 -14.68 19.18 5.61
C ARG B 16 -14.69 19.15 5.60
N GLY B 17 -13.50 18.58 5.74
CA GLY B 17 -13.06 17.60 4.81
C GLY B 17 -13.91 16.36 4.74
N VAL B 18 -14.40 15.91 5.89
CA VAL B 18 -15.28 14.66 5.91
C VAL B 18 -16.59 14.97 5.18
N GLU B 19 -17.14 16.16 5.47
CA GLU B 19 -18.30 16.62 4.71
C GLU B 19 -18.10 16.60 3.22
N ALA B 20 -16.96 17.13 2.77
CA ALA B 20 -16.62 17.13 1.39
C ALA B 20 -16.48 15.69 0.83
N ALA B 21 -15.76 14.85 1.55
CA ALA B 21 -15.62 13.49 1.06
C ALA B 21 -16.96 12.75 0.95
N ILE B 22 -17.90 13.02 1.86
CA ILE B 22 -19.26 12.39 1.73
C ILE B 22 -19.84 12.68 0.36
N GLN B 23 -19.58 13.87 -0.20
CA GLN B 23 -20.09 14.22 -1.54
C GLN B 23 -19.58 13.28 -2.58
N GLN B 24 -18.37 12.69 -2.40
CA GLN B 24 -17.80 11.75 -3.36
C GLN B 24 -18.05 10.28 -3.07
N ASN B 25 -18.86 9.97 -2.08
CA ASN B 25 -19.21 8.63 -1.62
C ASN B 25 -20.78 8.52 -1.56
N PRO B 26 -21.37 8.21 -2.71
CA PRO B 26 -22.87 8.25 -2.78
C PRO B 26 -23.58 7.20 -2.01
N ASP B 27 -22.89 6.19 -1.51
CA ASP B 27 -23.49 5.29 -0.58
C ASP B 27 -23.59 5.76 0.87
N MET B 28 -23.15 6.99 1.16
CA MET B 28 -23.27 7.52 2.46
C MET B 28 -24.03 8.81 2.45
N GLU B 29 -24.50 9.13 3.64
CA GLU B 29 -25.21 10.38 3.84
C GLU B 29 -24.85 10.93 5.19
N LEU B 30 -24.60 12.23 5.20
CA LEU B 30 -24.31 12.90 6.44
C LEU B 30 -25.63 13.25 7.15
N VAL B 31 -25.77 12.79 8.34
CA VAL B 31 -26.99 13.04 9.16
C VAL B 31 -26.93 14.19 10.13
N ALA B 32 -25.76 14.44 10.70
CA ALA B 32 -25.60 15.46 11.75
C ALA B 32 -24.09 15.81 11.95
N VAL B 33 -23.88 17.01 12.44
CA VAL B 33 -22.57 17.55 12.79
C VAL B 33 -22.70 17.94 14.24
N PHE B 34 -21.78 17.50 15.10
CA PHE B 34 -21.87 17.71 16.50
C PHE B 34 -20.70 18.59 16.85
N THR B 35 -20.99 19.59 17.68
CA THR B 35 -19.93 20.54 18.05
C THR B 35 -19.93 20.86 19.54
N ARG B 36 -18.81 21.37 20.08
CA ARG B 36 -18.79 21.85 21.45
C ARG B 36 -19.29 23.30 21.50
N ARG B 37 -19.27 23.99 20.37
CA ARG B 37 -19.82 25.34 20.25
C ARG B 37 -21.32 25.35 20.43
N ASP B 38 -21.89 26.52 20.64
CA ASP B 38 -23.30 26.68 20.53
C ASP B 38 -23.74 26.35 19.10
N PRO B 39 -24.54 25.33 18.89
CA PRO B 39 -24.87 24.94 17.51
C PRO B 39 -25.56 25.97 16.59
N LYS B 40 -26.29 26.99 17.13
CA LYS B 40 -26.85 28.03 16.30
C LYS B 40 -25.73 28.82 15.65
N THR B 41 -24.51 28.76 16.19
CA THR B 41 -23.44 29.61 15.65
C THR B 41 -22.53 28.91 14.63
N VAL B 42 -22.83 27.66 14.27
CA VAL B 42 -22.01 26.89 13.30
C VAL B 42 -22.78 26.87 11.96
N ALA B 43 -22.13 27.38 10.92
CA ALA B 43 -22.61 27.35 9.58
C ALA B 43 -21.96 26.16 8.81
N VAL B 44 -22.79 25.16 8.52
CA VAL B 44 -22.36 23.91 7.85
C VAL B 44 -22.69 24.03 6.36
N LYS B 45 -21.73 23.73 5.55
CA LYS B 45 -21.84 23.91 4.09
C LYS B 45 -22.95 23.06 3.53
N SER B 46 -23.17 21.89 4.05
CA SER B 46 -24.12 20.97 3.45
C SER B 46 -25.49 21.18 4.02
N ASN B 47 -25.62 22.08 5.02
CA ASN B 47 -26.96 22.38 5.63
C ASN B 47 -27.62 21.26 6.38
N VAL B 48 -26.82 20.36 6.92
CA VAL B 48 -27.32 19.30 7.68
C VAL B 48 -27.50 19.86 9.09
N LYS B 49 -28.29 19.21 9.92
CA LYS B 49 -28.43 19.64 11.30
C LYS B 49 -27.16 19.62 12.16
N VAL B 50 -27.04 20.66 12.96
CA VAL B 50 -25.93 20.86 13.84
C VAL B 50 -26.42 20.78 15.22
N LEU B 51 -25.76 19.98 16.03
CA LEU B 51 -26.17 19.69 17.41
C LEU B 51 -25.02 19.86 18.30
N HIS B 52 -25.28 20.11 19.58
CA HIS B 52 -24.26 20.03 20.58
C HIS B 52 -23.85 18.63 20.92
N VAL B 53 -22.55 18.44 21.23
CA VAL B 53 -22.01 17.11 21.58
C VAL B 53 -22.74 16.41 22.77
N ASP B 54 -23.14 17.14 23.80
CA ASP B 54 -24.00 16.58 24.89
C ASP B 54 -25.25 15.91 24.45
N ASP B 55 -25.73 16.19 23.25
CA ASP B 55 -26.90 15.55 22.68
C ASP B 55 -26.64 14.27 21.84
N ALA B 56 -25.37 13.87 21.68
CA ALA B 56 -25.10 12.88 20.67
C ALA B 56 -25.69 11.54 21.08
N GLN B 57 -25.63 11.21 22.37
CA GLN B 57 -26.17 9.93 22.86
C GLN B 57 -27.60 9.70 22.42
N SER B 58 -28.38 10.76 22.33
CA SER B 58 -29.76 10.68 21.89
C SER B 58 -29.96 10.41 20.39
N TYR B 59 -28.88 10.44 19.60
CA TYR B 59 -28.98 10.12 18.19
C TYR B 59 -28.36 8.78 17.87
N LYS B 60 -28.12 7.95 18.91
CA LYS B 60 -27.57 6.59 18.79
C LYS B 60 -28.20 5.84 17.60
N ASP B 61 -29.54 5.88 17.51
CA ASP B 61 -30.20 5.13 16.47
C ASP B 61 -30.29 5.76 15.13
N GLU B 62 -29.78 6.99 14.97
CA GLU B 62 -29.85 7.75 13.72
C GLU B 62 -28.55 7.69 12.84
N ILE B 63 -27.55 7.16 13.46
CA ILE B 63 -26.13 7.20 12.90
C ILE B 63 -25.52 5.83 12.98
N ASP B 64 -25.06 5.38 11.81
CA ASP B 64 -24.27 4.13 11.69
C ASP B 64 -22.81 4.27 12.11
N VAL B 65 -22.15 5.35 11.64
CA VAL B 65 -20.77 5.55 12.03
C VAL B 65 -20.53 7.02 12.36
N MET B 66 -19.92 7.28 13.50
CA MET B 66 -19.50 8.62 13.87
C MET B 66 -18.00 8.82 13.51
N ILE B 67 -17.72 9.86 12.76
CA ILE B 67 -16.33 10.15 12.39
C ILE B 67 -15.85 11.31 13.31
N LEU B 68 -14.90 11.00 14.17
CA LEU B 68 -14.38 11.95 15.17
C LEU B 68 -13.26 12.75 14.46
N CYS B 69 -13.47 14.06 14.34
CA CYS B 69 -12.58 14.93 13.60
C CYS B 69 -11.77 15.86 14.45
N GLY B 70 -11.69 15.56 15.74
CA GLY B 70 -10.93 16.36 16.72
C GLY B 70 -9.44 16.08 16.69
N GLY B 71 -8.68 16.95 17.37
CA GLY B 71 -7.24 16.74 17.55
C GLY B 71 -6.89 15.72 18.62
N SER B 72 -5.65 15.19 18.54
CA SER B 72 -5.20 14.08 19.32
C SER B 72 -4.73 14.54 20.69
N ALA B 73 -4.37 15.82 20.78
CA ALA B 73 -3.75 16.35 22.01
C ALA B 73 -4.83 16.40 23.13
N THR B 74 -5.99 16.97 22.85
CA THR B 74 -7.04 17.08 23.89
C THR B 74 -8.44 16.54 23.57
N ASP B 75 -8.84 16.63 22.31
CA ASP B 75 -10.17 16.24 21.87
C ASP B 75 -10.32 14.71 21.95
N LEU B 76 -9.57 13.95 21.12
CA LEU B 76 -9.74 12.48 21.09
C LEU B 76 -9.50 11.71 22.37
N PRO B 77 -8.55 12.12 23.20
CA PRO B 77 -8.38 11.26 24.35
C PRO B 77 -9.62 11.10 25.19
N GLU B 78 -10.47 12.13 25.25
CA GLU B 78 -11.82 12.00 25.88
C GLU B 78 -12.88 11.45 24.92
N GLN B 79 -12.86 11.92 23.71
CA GLN B 79 -13.96 11.70 22.76
C GLN B 79 -13.98 10.29 22.17
N GLY B 80 -12.82 9.72 21.87
CA GLY B 80 -12.75 8.33 21.34
C GLY B 80 -13.44 7.36 22.33
N PRO B 81 -13.02 7.35 23.61
CA PRO B 81 -13.70 6.36 24.49
C PRO B 81 -15.11 6.76 24.83
N TYR B 82 -15.42 8.04 24.77
CA TYR B 82 -16.79 8.48 25.00
C TYR B 82 -17.70 7.96 23.90
N PHE B 83 -17.45 8.35 22.67
CA PHE B 83 -18.35 8.02 21.58
C PHE B 83 -18.48 6.54 21.26
N ALA B 84 -17.45 5.76 21.58
CA ALA B 84 -17.38 4.33 21.30
C ALA B 84 -18.33 3.56 22.24
N GLN B 85 -18.88 4.23 23.25
CA GLN B 85 -19.86 3.60 24.05
C GLN B 85 -21.17 3.52 23.34
N TYR B 86 -21.43 4.45 22.41
CA TYR B 86 -22.71 4.53 21.70
C TYR B 86 -22.75 4.34 20.20
N PHE B 87 -21.55 4.42 19.55
CA PHE B 87 -21.47 4.50 18.11
C PHE B 87 -20.25 3.69 17.61
N ASN B 88 -20.39 3.06 16.48
CA ASN B 88 -19.19 2.67 15.72
C ASN B 88 -18.46 4.00 15.39
N THR B 89 -17.13 4.01 15.57
CA THR B 89 -16.38 5.26 15.36
C THR B 89 -15.14 5.10 14.49
N ILE B 90 -14.69 6.24 13.98
CA ILE B 90 -13.42 6.30 13.19
C ILE B 90 -12.75 7.54 13.75
N ASP B 91 -11.44 7.49 13.95
CA ASP B 91 -10.71 8.73 14.31
C ASP B 91 -9.37 8.75 13.62
N SER B 92 -8.68 9.88 13.70
CA SER B 92 -7.33 10.02 13.15
C SER B 92 -6.29 10.22 14.24
N PHE B 93 -6.41 9.51 15.36
CA PHE B 93 -5.51 9.74 16.51
C PHE B 93 -4.06 9.61 16.10
N ASP B 94 -3.26 10.66 16.27
CA ASP B 94 -1.92 10.66 15.63
C ASP B 94 -0.67 10.86 16.51
N THR B 95 -0.87 10.75 17.80
CA THR B 95 0.30 10.83 18.73
C THR B 95 0.87 9.45 18.86
N HIS B 96 1.84 9.12 18.02
CA HIS B 96 2.33 7.76 17.88
C HIS B 96 2.78 7.13 19.20
N ALA B 97 3.42 7.91 20.09
CA ALA B 97 3.94 7.32 21.38
C ALA B 97 2.82 6.99 22.34
N ARG B 98 1.64 7.58 22.10
CA ARG B 98 0.43 7.37 22.90
C ARG B 98 -0.60 6.39 22.34
N ILE B 99 -0.34 5.81 21.15
CA ILE B 99 -1.29 4.88 20.54
C ILE B 99 -1.64 3.71 21.42
N PRO B 100 -0.67 3.06 22.05
CA PRO B 100 -1.13 1.91 22.83
C PRO B 100 -2.13 2.21 23.91
N ASP B 101 -1.94 3.30 24.64
CA ASP B 101 -2.87 3.66 25.71
C ASP B 101 -4.21 4.07 25.12
N TYR B 102 -4.19 4.78 24.00
CA TYR B 102 -5.45 5.25 23.38
C TYR B 102 -6.22 4.01 22.93
N PHE B 103 -5.49 3.09 22.23
CA PHE B 103 -6.10 1.85 21.77
C PHE B 103 -6.78 1.10 22.93
N ASP B 104 -6.07 0.95 24.05
CA ASP B 104 -6.66 0.18 25.18
C ASP B 104 -7.96 0.83 25.69
N ALA B 105 -8.00 2.15 25.79
CA ALA B 105 -9.16 2.84 26.35
C ALA B 105 -10.31 2.77 25.42
N VAL B 106 -10.01 2.97 24.12
CA VAL B 106 -11.08 2.80 23.14
C VAL B 106 -11.57 1.37 23.05
N ASN B 107 -10.66 0.40 23.15
CA ASN B 107 -11.04 -1.00 23.02
C ASN B 107 -11.93 -1.44 24.19
N ALA B 108 -11.61 -0.94 25.39
CA ALA B 108 -12.40 -1.25 26.60
C ALA B 108 -13.81 -0.77 26.40
N ALA B 109 -13.95 0.45 25.89
CA ALA B 109 -15.26 1.02 25.62
C ALA B 109 -16.09 0.30 24.48
N ALA B 110 -15.44 0.04 23.33
CA ALA B 110 -16.12 -0.53 22.21
C ALA B 110 -16.53 -2.04 22.48
N GLU B 111 -15.65 -2.76 23.15
CA GLU B 111 -15.86 -4.15 23.50
C GLU B 111 -17.15 -4.26 24.35
N GLN B 112 -17.34 -3.36 25.28
CA GLN B 112 -18.57 -3.34 26.09
C GLN B 112 -19.84 -2.94 25.37
N SER B 113 -19.76 -1.94 24.52
CA SER B 113 -20.92 -1.53 23.78
C SER B 113 -21.28 -2.40 22.58
N GLY B 114 -20.37 -3.25 22.14
CA GLY B 114 -20.55 -4.05 20.94
C GLY B 114 -20.40 -3.23 19.69
N LYS B 115 -19.61 -2.16 19.80
CA LYS B 115 -19.44 -1.27 18.62
C LYS B 115 -18.02 -1.48 18.07
N VAL B 116 -17.85 -1.12 16.82
CA VAL B 116 -16.47 -1.18 16.21
C VAL B 116 -15.83 0.21 16.15
N ALA B 117 -14.59 0.34 16.58
CA ALA B 117 -13.94 1.66 16.57
C ALA B 117 -12.66 1.51 15.79
N ILE B 118 -12.44 2.25 14.71
CA ILE B 118 -11.16 2.15 14.07
C ILE B 118 -10.41 3.43 14.35
N ILE B 119 -9.27 3.30 15.00
CA ILE B 119 -8.43 4.39 15.45
C ILE B 119 -7.27 4.62 14.50
N SER B 120 -6.73 5.82 14.55
CA SER B 120 -5.48 6.13 13.90
C SER B 120 -5.48 5.98 12.38
N VAL B 121 -6.58 6.44 11.77
CA VAL B 121 -6.75 6.43 10.33
C VAL B 121 -6.24 7.69 9.76
N GLY B 122 -5.63 7.65 8.61
CA GLY B 122 -5.09 8.83 7.97
C GLY B 122 -3.88 8.46 7.13
N TRP B 123 -2.94 9.42 6.99
CA TRP B 123 -1.74 9.29 6.14
C TRP B 123 -0.56 8.74 6.98
N ASP B 124 -0.36 9.31 8.16
CA ASP B 124 0.61 8.77 9.11
C ASP B 124 0.29 9.27 10.52
N PRO B 125 -0.27 8.40 11.35
CA PRO B 125 -0.50 6.99 11.06
C PRO B 125 -1.58 6.71 10.04
N GLY B 126 -1.58 5.52 9.46
CA GLY B 126 -2.57 5.03 8.53
C GLY B 126 -1.93 4.43 7.32
N LEU B 127 -2.01 5.09 6.17
CA LEU B 127 -1.48 4.51 4.95
C LEU B 127 0.05 4.33 5.05
N PHE B 128 0.77 5.28 5.71
CA PHE B 128 2.24 5.04 5.87
C PHE B 128 2.51 3.87 6.77
N SER B 129 1.71 3.65 7.79
CA SER B 129 1.87 2.52 8.66
C SER B 129 1.70 1.22 7.95
N LEU B 130 0.67 1.17 7.08
CA LEU B 130 0.42 -0.02 6.27
C LEU B 130 1.62 -0.30 5.46
N ASN B 131 2.21 0.72 4.82
CA ASN B 131 3.30 0.47 3.91
C ASN B 131 4.57 0.12 4.67
N ARG B 132 4.77 0.72 5.87
CA ARG B 132 5.90 0.23 6.73
C ARG B 132 5.76 -1.30 6.98
N LEU B 133 4.56 -1.72 7.32
CA LEU B 133 4.31 -3.10 7.64
C LEU B 133 4.52 -4.02 6.40
N LEU B 134 3.89 -3.65 5.28
CA LEU B 134 4.00 -4.41 4.07
C LEU B 134 5.45 -4.56 3.72
N GLY B 135 6.24 -3.48 3.83
CA GLY B 135 7.64 -3.63 3.51
C GLY B 135 8.37 -4.64 4.31
N GLU B 136 8.13 -4.60 5.60
CA GLU B 136 8.95 -5.48 6.42
C GLU B 136 8.50 -6.96 6.39
N VAL B 137 7.25 -7.25 5.98
CA VAL B 137 6.87 -8.65 5.83
C VAL B 137 7.28 -9.18 4.47
N VAL B 138 7.25 -8.38 3.41
CA VAL B 138 7.64 -8.87 2.08
C VAL B 138 9.14 -8.92 1.97
N LEU B 139 9.85 -8.00 2.60
CA LEU B 139 11.34 -7.93 2.53
C LEU B 139 11.84 -7.94 3.98
N PRO B 140 11.84 -9.10 4.61
CA PRO B 140 12.22 -9.05 6.02
C PRO B 140 13.65 -8.76 6.34
N VAL B 141 14.58 -8.90 5.39
CA VAL B 141 15.93 -8.47 5.56
C VAL B 141 16.04 -7.14 4.83
N GLY B 142 16.08 -6.05 5.59
CA GLY B 142 16.09 -4.71 4.98
C GLY B 142 15.95 -3.58 5.99
N ASN B 143 15.83 -2.32 5.48
CA ASN B 143 15.65 -1.19 6.28
C ASN B 143 14.47 -0.39 5.74
N THR B 144 13.76 0.20 6.64
CA THR B 144 12.63 1.08 6.30
C THR B 144 12.98 2.52 6.60
N TYR B 145 12.56 3.43 5.73
CA TYR B 145 12.74 4.85 5.93
C TYR B 145 11.41 5.56 5.67
N THR B 146 11.02 6.46 6.55
CA THR B 146 9.90 7.36 6.34
C THR B 146 10.36 8.78 6.28
N PHE B 147 9.92 9.48 5.27
CA PHE B 147 10.11 10.91 5.07
C PHE B 147 8.75 11.66 5.06
N TRP B 148 8.70 12.82 5.70
N TRP B 148 8.64 12.80 5.75
CA TRP B 148 7.50 13.63 5.67
CA TRP B 148 7.40 13.60 5.73
C TRP B 148 7.71 14.94 4.90
C TRP B 148 7.59 15.01 5.13
N GLY B 149 6.64 15.40 4.25
CA GLY B 149 6.61 16.67 3.52
C GLY B 149 6.87 16.49 2.04
N LYS B 150 6.96 17.60 1.29
CA LYS B 150 6.74 18.92 1.83
C LYS B 150 5.33 19.21 2.42
N GLY B 151 5.32 19.74 3.63
CA GLY B 151 4.10 20.00 4.39
C GLY B 151 4.20 20.79 5.70
N VAL B 152 3.07 21.26 6.25
CA VAL B 152 3.07 22.13 7.44
C VAL B 152 3.26 21.29 8.73
N SER B 153 4.12 21.68 9.66
CA SER B 153 4.18 20.99 10.97
C SER B 153 3.39 21.96 11.84
N LEU B 154 2.50 21.45 12.68
CA LEU B 154 1.46 22.35 13.20
C LEU B 154 1.85 22.94 14.55
N GLY B 155 2.53 22.18 15.38
CA GLY B 155 3.21 22.82 16.50
C GLY B 155 3.94 24.06 15.99
N HIS B 156 4.65 23.88 14.87
CA HIS B 156 5.78 24.76 14.50
C HIS B 156 5.40 26.17 14.00
N SER B 157 4.40 26.26 13.11
CA SER B 157 3.92 27.57 12.57
C SER B 157 3.48 28.48 13.73
N GLY B 158 2.82 27.88 14.73
CA GLY B 158 2.40 28.58 15.96
C GLY B 158 3.55 29.00 16.87
N ALA B 159 4.63 28.21 16.90
CA ALA B 159 5.75 28.59 17.80
C ALA B 159 6.50 29.81 17.26
N ILE B 160 6.68 29.84 15.94
CA ILE B 160 7.22 30.98 15.29
C ILE B 160 6.32 32.20 15.58
N ARG B 161 5.01 32.04 15.47
CA ARG B 161 4.06 33.17 15.70
C ARG B 161 4.12 33.86 17.05
N ARG B 162 4.69 33.22 18.05
CA ARG B 162 4.87 33.82 19.36
C ARG B 162 6.14 34.66 19.46
N ILE B 163 6.95 34.70 18.40
CA ILE B 163 8.24 35.39 18.45
C ILE B 163 8.03 36.87 18.30
N GLN B 164 8.71 37.66 19.13
CA GLN B 164 8.57 39.12 19.05
C GLN B 164 9.00 39.56 17.67
N GLY B 165 8.13 40.31 16.99
CA GLY B 165 8.37 40.77 15.64
C GLY B 165 7.54 40.07 14.53
N VAL B 166 7.02 38.88 14.79
CA VAL B 166 6.27 38.12 13.76
C VAL B 166 4.75 38.43 13.71
N LYS B 167 4.24 38.90 12.56
CA LYS B 167 2.84 39.15 12.36
C LYS B 167 2.18 37.82 12.03
N ASN B 168 2.85 36.98 11.25
CA ASN B 168 2.23 35.72 10.81
C ASN B 168 3.34 34.87 10.18
N ALA B 169 3.11 33.58 10.07
CA ALA B 169 4.17 32.69 9.53
C ALA B 169 3.56 31.34 9.12
N VAL B 170 4.27 30.63 8.27
CA VAL B 170 3.93 29.27 7.86
C VAL B 170 5.26 28.49 7.79
N GLN B 171 5.30 27.33 8.38
CA GLN B 171 6.48 26.48 8.42
C GLN B 171 6.23 25.20 7.64
N TYR B 172 7.26 24.72 6.95
CA TYR B 172 7.18 23.44 6.22
C TYR B 172 8.35 22.53 6.59
N ILE B 173 8.05 21.22 6.68
CA ILE B 173 9.07 20.21 6.72
C ILE B 173 9.30 19.67 5.31
N ILE B 174 10.57 19.40 4.93
CA ILE B 174 10.85 19.04 3.57
C ILE B 174 11.87 17.92 3.56
N PRO B 175 11.52 16.79 2.92
CA PRO B 175 12.58 15.75 2.82
C PRO B 175 13.76 16.22 1.96
N ILE B 176 14.98 15.86 2.40
CA ILE B 176 16.17 16.24 1.66
C ILE B 176 16.43 15.26 0.54
N ASP B 177 16.46 15.76 -0.69
CA ASP B 177 16.45 14.98 -1.89
C ASP B 177 17.63 14.00 -1.96
N GLU B 178 18.81 14.47 -1.55
CA GLU B 178 20.01 13.64 -1.53
C GLU B 178 19.82 12.40 -0.61
N ALA B 179 19.17 12.59 0.53
CA ALA B 179 18.92 11.48 1.47
C ALA B 179 17.91 10.49 0.88
N VAL B 180 16.87 11.01 0.24
CA VAL B 180 15.87 10.14 -0.39
C VAL B 180 16.49 9.32 -1.49
N ASN B 181 17.36 9.94 -2.27
CA ASN B 181 18.04 9.22 -3.36
C ASN B 181 19.08 8.21 -2.94
N ARG B 182 19.77 8.47 -1.84
CA ARG B 182 20.61 7.47 -1.20
C ARG B 182 19.76 6.28 -0.76
N VAL B 183 18.58 6.54 -0.22
CA VAL B 183 17.74 5.35 0.21
C VAL B 183 17.29 4.60 -1.02
N ARG B 184 16.91 5.35 -2.04
CA ARG B 184 16.41 4.74 -3.25
C ARG B 184 17.43 3.95 -4.00
N SER B 185 18.72 4.25 -3.82
CA SER B 185 19.80 3.48 -4.46
C SER B 185 20.09 2.15 -3.78
N GLY B 186 19.53 1.95 -2.60
CA GLY B 186 19.69 0.73 -1.90
C GLY B 186 21.00 0.63 -1.10
N GLU B 187 21.62 1.77 -0.83
CA GLU B 187 22.80 1.90 0.04
C GLU B 187 22.54 1.58 1.47
N ASN B 188 21.28 1.65 1.90
CA ASN B 188 20.94 1.50 3.26
C ASN B 188 21.66 2.46 4.18
N PRO B 189 21.57 3.75 3.92
CA PRO B 189 22.30 4.71 4.77
C PRO B 189 21.85 4.83 6.19
N GLU B 190 22.77 5.23 7.08
CA GLU B 190 22.41 5.58 8.43
C GLU B 190 22.27 7.10 8.43
N LEU B 191 21.07 7.60 8.64
CA LEU B 191 20.78 9.00 8.36
C LEU B 191 20.56 9.71 9.64
N SER B 192 21.28 10.81 9.88
CA SER B 192 20.97 11.67 11.01
C SER B 192 19.62 12.43 10.79
N THR B 193 19.06 12.92 11.88
CA THR B 193 17.96 13.88 11.81
C THR B 193 18.18 14.97 10.77
N ARG B 194 19.36 15.61 10.80
CA ARG B 194 19.67 16.75 9.98
C ARG B 194 19.93 16.40 8.53
N GLU B 195 20.24 15.13 8.26
CA GLU B 195 20.43 14.68 6.93
C GLU B 195 19.07 14.35 6.26
N LYS B 196 18.01 14.07 7.06
CA LYS B 196 16.77 13.54 6.44
C LYS B 196 15.79 14.62 6.03
N HIS B 197 15.64 15.63 6.87
CA HIS B 197 14.70 16.71 6.55
C HIS B 197 15.26 18.10 6.86
N ALA B 198 14.84 19.04 6.08
CA ALA B 198 15.09 20.49 6.28
C ALA B 198 13.76 21.22 6.61
N MET B 199 13.86 22.40 7.22
CA MET B 199 12.70 23.20 7.60
C MET B 199 12.72 24.47 6.79
N GLU B 200 11.57 24.94 6.36
CA GLU B 200 11.51 26.23 5.63
C GLU B 200 10.41 27.05 6.25
N CYS B 201 10.68 28.31 6.60
CA CYS B 201 9.65 29.14 7.23
C CYS B 201 9.41 30.35 6.35
N PHE B 202 8.15 30.81 6.25
CA PHE B 202 7.84 31.99 5.50
C PHE B 202 7.20 32.91 6.54
N VAL B 203 7.76 34.10 6.70
CA VAL B 203 7.47 34.93 7.88
C VAL B 203 7.13 36.33 7.41
N VAL B 204 6.02 36.87 7.93
CA VAL B 204 5.59 38.24 7.69
C VAL B 204 5.99 38.96 8.97
N LEU B 205 6.85 39.99 8.87
CA LEU B 205 7.29 40.71 10.08
C LEU B 205 6.30 41.85 10.43
N GLU B 206 6.18 42.13 11.71
CA GLU B 206 5.52 43.40 12.20
C GLU B 206 6.36 44.62 11.82
N GLU B 207 5.72 45.79 11.71
CA GLU B 207 6.44 47.08 11.62
C GLU B 207 7.55 47.19 12.68
N GLY B 208 8.76 47.54 12.22
CA GLY B 208 9.97 47.67 13.04
C GLY B 208 10.44 46.49 13.88
N ALA B 209 10.12 45.26 13.45
CA ALA B 209 10.82 44.08 13.99
C ALA B 209 12.19 43.96 13.30
N ASP B 210 13.13 43.31 13.98
CA ASP B 210 14.50 43.16 13.44
C ASP B 210 14.66 41.80 12.73
N PRO B 211 14.73 41.79 11.36
CA PRO B 211 14.87 40.50 10.64
C PRO B 211 15.88 39.57 11.28
N ALA B 212 17.04 40.11 11.64
CA ALA B 212 18.12 39.27 12.05
C ALA B 212 17.82 38.67 13.40
N LYS B 213 17.09 39.42 14.22
CA LYS B 213 16.69 38.90 15.51
C LYS B 213 15.63 37.78 15.31
N VAL B 214 14.76 37.97 14.31
CA VAL B 214 13.66 37.02 14.04
C VAL B 214 14.25 35.77 13.50
N GLU B 215 15.06 35.87 12.42
CA GLU B 215 15.82 34.71 11.88
C GLU B 215 16.53 33.89 12.95
N HIS B 216 17.26 34.61 13.78
CA HIS B 216 18.09 34.00 14.78
C HIS B 216 17.26 33.23 15.79
N GLU B 217 16.14 33.85 16.19
CA GLU B 217 15.24 33.24 17.19
C GLU B 217 14.61 31.94 16.68
N ILE B 218 14.20 31.97 15.42
CA ILE B 218 13.63 30.75 14.78
C ILE B 218 14.68 29.62 14.70
N LYS B 219 15.85 29.91 14.11
CA LYS B 219 16.84 28.87 13.80
C LYS B 219 17.39 28.20 15.05
N THR B 220 17.31 28.88 16.18
CA THR B 220 17.88 28.38 17.38
C THR B 220 16.81 27.88 18.33
N MET B 221 15.56 27.86 17.86
CA MET B 221 14.45 27.49 18.73
C MET B 221 14.65 26.08 19.26
N PRO B 222 14.77 25.91 20.56
CA PRO B 222 14.95 24.55 21.06
C PRO B 222 13.75 23.62 20.81
N ASN B 223 14.03 22.40 20.41
CA ASN B 223 13.02 21.37 20.32
C ASN B 223 12.13 21.52 19.09
N TYR B 224 12.39 22.52 18.25
CA TYR B 224 11.63 22.70 17.04
C TYR B 224 12.49 22.71 15.78
N PHE B 225 13.45 23.62 15.74
CA PHE B 225 14.25 23.85 14.56
C PHE B 225 15.76 23.69 14.77
N ASP B 226 16.19 23.58 16.01
CA ASP B 226 17.58 23.47 16.39
C ASP B 226 18.20 22.15 15.94
N GLU B 227 17.35 21.17 15.58
CA GLU B 227 17.81 19.86 15.09
C GLU B 227 18.02 19.83 13.57
N TYR B 228 17.60 20.89 12.86
CA TYR B 228 17.43 20.85 11.43
C TYR B 228 18.07 22.03 10.82
N ASP B 229 18.56 21.88 9.60
CA ASP B 229 18.81 23.02 8.74
C ASP B 229 17.53 23.80 8.35
N THR B 230 17.47 25.07 8.80
CA THR B 230 16.28 25.94 8.64
C THR B 230 16.50 27.18 7.82
N THR B 231 15.68 27.36 6.81
CA THR B 231 15.68 28.54 5.98
C THR B 231 14.50 29.41 6.34
N VAL B 232 14.76 30.67 6.58
CA VAL B 232 13.73 31.71 6.86
C VAL B 232 13.59 32.72 5.76
N HIS B 233 12.42 32.81 5.19
CA HIS B 233 12.05 33.76 4.16
C HIS B 233 11.14 34.87 4.77
N PHE B 234 11.48 36.14 4.52
CA PHE B 234 10.59 37.28 4.85
C PHE B 234 9.83 37.77 3.70
N ILE B 235 8.50 37.74 3.84
CA ILE B 235 7.62 38.07 2.82
C ILE B 235 6.48 39.00 3.29
N SER B 236 5.73 39.52 2.33
CA SER B 236 4.59 40.39 2.57
C SER B 236 3.37 39.59 3.01
N GLU B 237 2.41 40.30 3.55
CA GLU B 237 1.12 39.72 3.92
C GLU B 237 0.47 39.17 2.68
N GLU B 238 0.49 39.98 1.62
CA GLU B 238 -0.04 39.56 0.34
C GLU B 238 0.58 38.23 -0.15
N GLU B 239 1.90 38.05 -0.15
CA GLU B 239 2.43 36.78 -0.63
C GLU B 239 2.08 35.62 0.31
N LEU B 240 2.02 35.84 1.61
CA LEU B 240 1.62 34.73 2.50
C LEU B 240 0.21 34.26 2.14
N LYS B 241 -0.70 35.18 1.84
CA LYS B 241 -2.02 34.77 1.46
C LYS B 241 -2.06 34.09 0.11
N GLN B 242 -1.41 34.65 -0.91
CA GLN B 242 -1.54 34.11 -2.27
C GLN B 242 -0.96 32.72 -2.30
N ASN B 243 0.21 32.57 -1.68
CA ASN B 243 1.04 31.39 -1.89
C ASN B 243 1.08 30.39 -0.77
N HIS B 244 0.68 30.77 0.45
CA HIS B 244 0.85 29.91 1.65
C HIS B 244 -0.40 29.72 2.52
N SER B 245 -1.55 29.76 1.88
CA SER B 245 -2.81 29.53 2.62
C SER B 245 -3.19 28.05 2.48
N GLY B 246 -2.60 27.36 1.52
CA GLY B 246 -2.79 25.88 1.39
C GLY B 246 -2.27 25.07 2.59
N MET B 247 -2.68 23.77 2.62
CA MET B 247 -2.22 22.82 3.60
C MET B 247 -1.69 21.58 2.82
N PRO B 248 -0.68 21.77 1.94
CA PRO B 248 -0.09 20.63 1.20
C PRO B 248 0.66 19.70 2.12
N ASN B 249 0.83 18.44 1.70
CA ASN B 249 1.69 17.55 2.41
C ASN B 249 2.05 16.41 1.51
N GLY B 250 2.82 15.52 2.07
CA GLY B 250 3.22 14.32 1.36
C GLY B 250 4.33 13.63 2.12
N GLY B 251 5.00 12.74 1.43
CA GLY B 251 6.10 11.98 1.98
C GLY B 251 6.33 10.70 1.26
N PHE B 252 7.23 9.90 1.84
CA PHE B 252 7.68 8.63 1.25
C PHE B 252 7.83 7.62 2.38
N VAL B 253 7.48 6.35 2.12
CA VAL B 253 7.92 5.22 2.88
C VAL B 253 8.62 4.31 1.94
N ILE B 254 9.91 4.00 2.26
CA ILE B 254 10.69 3.14 1.39
C ILE B 254 11.28 1.99 2.21
N ARG B 255 11.10 0.80 1.66
CA ARG B 255 11.75 -0.37 2.16
C ARG B 255 12.81 -0.77 1.13
N SER B 256 14.02 -0.87 1.67
CA SER B 256 15.21 -1.25 0.90
C SER B 256 15.71 -2.59 1.47
N GLY B 257 15.47 -3.69 0.75
CA GLY B 257 15.89 -4.98 1.25
C GLY B 257 16.65 -5.84 0.25
N LYS B 258 16.90 -7.08 0.66
CA LYS B 258 17.69 -7.99 -0.16
C LYS B 258 17.05 -9.34 -0.15
N SER B 259 17.10 -10.03 -1.27
CA SER B 259 16.75 -11.44 -1.32
C SER B 259 17.85 -12.24 -0.64
N ASP B 260 17.56 -13.52 -0.40
CA ASP B 260 18.57 -14.42 0.25
C ASP B 260 19.80 -14.61 -0.63
N GLU B 261 19.72 -14.31 -1.91
CA GLU B 261 20.88 -14.37 -2.81
C GLU B 261 21.48 -12.99 -3.09
N GLY B 262 21.07 -11.97 -2.33
CA GLY B 262 21.68 -10.66 -2.38
C GLY B 262 21.10 -9.61 -3.35
N HIS B 263 20.01 -9.95 -4.04
CA HIS B 263 19.38 -9.05 -5.02
C HIS B 263 18.80 -7.83 -4.28
N LYS B 264 19.00 -6.62 -4.77
CA LYS B 264 18.43 -5.47 -4.14
C LYS B 264 16.97 -5.29 -4.62
N GLN B 265 16.07 -5.16 -3.65
CA GLN B 265 14.62 -5.02 -3.89
C GLN B 265 14.17 -3.77 -3.16
N ILE B 266 13.50 -2.88 -3.89
CA ILE B 266 13.11 -1.63 -3.27
C ILE B 266 11.59 -1.39 -3.53
N ILE B 267 10.90 -1.13 -2.43
CA ILE B 267 9.48 -0.81 -2.42
C ILE B 267 9.34 0.62 -1.97
N GLU B 268 8.58 1.42 -2.70
CA GLU B 268 8.33 2.80 -2.33
C GLU B 268 6.86 3.21 -2.44
N PHE B 269 6.43 3.93 -1.44
CA PHE B 269 5.06 4.48 -1.36
C PHE B 269 5.14 5.93 -1.13
N SER B 270 4.41 6.72 -1.94
CA SER B 270 4.49 8.16 -1.74
C SER B 270 3.17 8.88 -1.88
N LEU B 271 3.12 10.04 -1.25
CA LEU B 271 1.95 10.89 -1.32
C LEU B 271 2.40 12.30 -1.75
N ASN B 272 1.58 12.94 -2.58
CA ASN B 272 1.82 14.37 -2.98
C ASN B 272 0.45 14.98 -2.97
N LEU B 273 0.17 15.74 -1.95
CA LEU B 273 -1.16 16.19 -1.69
C LEU B 273 -1.24 17.72 -1.69
N GLU B 274 -2.18 18.23 -2.45
CA GLU B 274 -2.56 19.64 -2.31
C GLU B 274 -3.31 19.98 -1.07
N SER B 275 -3.99 18.98 -0.44
CA SER B 275 -4.67 19.26 0.82
C SER B 275 -4.61 18.08 1.74
N ASN B 276 -3.80 18.23 2.75
CA ASN B 276 -3.71 17.29 3.82
C ASN B 276 -5.04 16.94 4.55
N PRO B 277 -5.82 17.95 4.98
CA PRO B 277 -7.09 17.63 5.68
C PRO B 277 -8.08 16.98 4.75
N MET B 278 -8.14 17.39 3.48
CA MET B 278 -9.07 16.75 2.55
C MET B 278 -8.69 15.28 2.29
N PHE B 279 -7.39 14.98 2.26
CA PHE B 279 -6.93 13.59 2.03
C PHE B 279 -7.20 12.72 3.26
N THR B 280 -6.79 13.19 4.46
CA THR B 280 -7.08 12.45 5.63
C THR B 280 -8.57 12.14 5.79
N SER B 281 -9.40 13.15 5.58
CA SER B 281 -10.86 12.94 5.75
C SER B 281 -11.44 11.95 4.71
N SER B 282 -10.92 11.97 3.52
CA SER B 282 -11.23 10.98 2.51
C SER B 282 -10.90 9.57 2.90
N ALA B 283 -9.76 9.37 3.57
CA ALA B 283 -9.48 8.09 4.21
C ALA B 283 -10.43 7.73 5.32
N LEU B 284 -10.76 8.70 6.19
CA LEU B 284 -11.68 8.47 7.28
C LEU B 284 -13.01 7.93 6.76
N VAL B 285 -13.55 8.48 5.69
CA VAL B 285 -14.83 8.04 5.11
C VAL B 285 -14.72 6.59 4.55
N ALA B 286 -13.61 6.23 3.89
CA ALA B 286 -13.44 4.85 3.35
C ALA B 286 -13.40 3.90 4.52
N TYR B 287 -12.69 4.25 5.64
CA TYR B 287 -12.65 3.37 6.79
C TYR B 287 -13.98 3.34 7.51
N ALA B 288 -14.80 4.39 7.37
CA ALA B 288 -16.16 4.31 7.98
C ALA B 288 -17.04 3.24 7.33
N ARG B 289 -16.86 3.09 6.06
CA ARG B 289 -17.49 1.97 5.30
C ARG B 289 -17.06 0.63 5.87
N ALA B 290 -15.74 0.42 6.09
CA ALA B 290 -15.32 -0.78 6.72
C ALA B 290 -15.86 -1.00 8.10
N ALA B 291 -15.91 0.06 8.94
CA ALA B 291 -16.43 -0.08 10.29
C ALA B 291 -17.94 -0.53 10.24
N TYR B 292 -18.70 0.04 9.31
CA TYR B 292 -20.11 -0.34 9.12
C TYR B 292 -20.16 -1.84 8.73
N ARG B 293 -19.41 -2.25 7.74
CA ARG B 293 -19.40 -3.66 7.35
C ARG B 293 -19.07 -4.59 8.51
N LEU B 294 -18.02 -4.29 9.30
CA LEU B 294 -17.61 -5.11 10.40
C LEU B 294 -18.73 -5.20 11.54
N SER B 295 -19.31 -4.05 11.84
CA SER B 295 -20.42 -3.94 12.74
C SER B 295 -21.56 -4.86 12.30
N GLN B 296 -21.98 -4.75 11.06
CA GLN B 296 -23.10 -5.55 10.51
C GLN B 296 -22.80 -7.06 10.59
N ASN B 297 -21.56 -7.44 10.45
CA ASN B 297 -21.08 -8.85 10.65
C ASN B 297 -20.86 -9.36 12.07
N GLY B 298 -21.10 -8.58 13.09
CA GLY B 298 -20.93 -9.05 14.46
C GLY B 298 -19.67 -8.72 15.16
N ASP B 299 -18.76 -7.98 14.51
CA ASP B 299 -17.54 -7.67 15.14
C ASP B 299 -17.70 -6.52 16.13
N LYS B 300 -16.68 -6.34 16.96
CA LYS B 300 -16.63 -5.24 17.91
C LYS B 300 -15.22 -5.08 18.39
N GLY B 301 -14.99 -4.02 19.16
CA GLY B 301 -13.70 -3.70 19.72
C GLY B 301 -13.00 -2.60 18.86
N ALA B 302 -11.88 -2.24 19.34
CA ALA B 302 -11.01 -1.28 18.65
C ALA B 302 -10.15 -2.05 17.64
N LYS B 303 -9.96 -1.41 16.50
CA LYS B 303 -9.21 -1.94 15.38
C LYS B 303 -8.26 -0.85 14.91
N THR B 304 -7.17 -1.22 14.24
CA THR B 304 -6.36 -0.23 13.53
C THR B 304 -6.38 -0.62 12.08
N VAL B 305 -5.73 0.18 11.27
CA VAL B 305 -5.60 -0.21 9.86
C VAL B 305 -5.01 -1.55 9.69
N PHE B 306 -4.26 -2.08 10.62
CA PHE B 306 -3.64 -3.39 10.49
C PHE B 306 -4.64 -4.54 10.56
N ASP B 307 -5.82 -4.24 11.05
CA ASP B 307 -6.86 -5.24 11.21
C ASP B 307 -7.92 -5.18 10.09
N ILE B 308 -7.81 -4.25 9.11
CA ILE B 308 -8.86 -4.01 8.16
C ILE B 308 -8.47 -4.49 6.79
N PRO B 309 -9.07 -5.58 6.32
CA PRO B 309 -8.82 -5.99 4.91
C PRO B 309 -9.32 -4.96 3.91
N PHE B 310 -8.56 -4.73 2.82
CA PHE B 310 -8.84 -3.61 1.98
C PHE B 310 -10.21 -3.77 1.28
N GLY B 311 -10.69 -4.99 1.02
CA GLY B 311 -11.97 -5.14 0.33
C GLY B 311 -13.13 -4.50 1.05
N LEU B 312 -13.05 -4.39 2.35
CA LEU B 312 -14.12 -3.79 3.16
C LEU B 312 -14.20 -2.25 3.01
N LEU B 313 -13.19 -1.65 2.45
CA LEU B 313 -13.16 -0.23 2.21
C LEU B 313 -13.97 0.22 1.00
N SER B 314 -14.28 -0.73 0.11
CA SER B 314 -14.89 -0.44 -1.17
C SER B 314 -16.42 -0.70 -1.18
N PRO B 315 -17.16 0.20 -1.84
CA PRO B 315 -18.59 -0.07 -2.04
C PRO B 315 -18.87 -1.14 -3.10
N LYS B 316 -17.88 -1.56 -3.82
CA LYS B 316 -18.06 -2.62 -4.82
C LYS B 316 -18.09 -3.96 -4.14
N SER B 317 -18.77 -4.96 -4.76
CA SER B 317 -18.84 -6.28 -4.23
C SER B 317 -17.47 -6.99 -4.30
N PRO B 318 -17.27 -8.00 -3.47
CA PRO B 318 -16.00 -8.75 -3.55
C PRO B 318 -15.71 -9.32 -4.92
N GLU B 319 -16.73 -9.85 -5.63
CA GLU B 319 -16.54 -10.37 -6.98
C GLU B 319 -16.15 -9.34 -8.01
N ASP B 320 -16.76 -8.15 -7.91
CA ASP B 320 -16.44 -7.07 -8.77
C ASP B 320 -15.06 -6.54 -8.56
N LEU B 321 -14.60 -6.49 -7.32
CA LEU B 321 -13.17 -6.19 -7.10
C LEU B 321 -12.21 -7.16 -7.73
N ARG B 322 -12.45 -8.45 -7.61
CA ARG B 322 -11.58 -9.42 -8.22
C ARG B 322 -11.57 -9.26 -9.75
N LYS B 323 -12.74 -8.92 -10.30
CA LYS B 323 -12.88 -8.73 -11.74
C LYS B 323 -12.09 -7.50 -12.21
N GLU B 324 -12.19 -6.38 -11.52
CA GLU B 324 -11.72 -5.12 -12.02
C GLU B 324 -10.31 -4.85 -11.66
N LEU B 325 -9.92 -5.20 -10.43
CA LEU B 325 -8.65 -4.71 -9.89
C LEU B 325 -7.59 -5.73 -9.67
N LEU B 326 -7.98 -6.98 -9.57
CA LEU B 326 -7.07 -7.98 -9.09
C LEU B 326 -6.13 -8.27 -10.23
#